data_2IF7
#
_entry.id   2IF7
#
_cell.length_a   121.196
_cell.length_b   148.452
_cell.length_c   86.572
_cell.angle_alpha   90.000
_cell.angle_beta   112.860
_cell.angle_gamma   90.000
#
_symmetry.space_group_name_H-M   'C 1 2 1'
#
loop_
_entity.id
_entity.type
_entity.pdbx_description
1 polymer 'SLAM family member 6'
2 non-polymer 'CALCIUM ION'
3 non-polymer 'CHLORIDE ION'
4 water water
#
_entity_poly.entity_id   1
_entity_poly.type   'polypeptide(L)'
_entity_poly.pdbx_seq_one_letter_code
;MSLTPLMVNGILGESVTLPLEFPAGEKVNFITWLFNETSLAFIVPHETKSPEIHVTNPKQGKRLNFTQSYSLQLSNLKME
DTGSYRAQISTKTSAKLSSYTLRILRQLRNIQVTNHSQLFQNMTCELHLTCSVEDADDNVSFRWEALGNTLSSQPNLTVS
WDPRISSEQDYTCIAENAVSNLSFSVSAQKLCE
;
_entity_poly.pdbx_strand_id   A,B,C,D
#
# COMPACT_ATOMS: atom_id res chain seq x y z
N LEU A 3 31.25 -7.53 12.06
CA LEU A 3 31.21 -8.30 13.33
C LEU A 3 29.77 -8.54 13.79
N THR A 4 28.94 -9.09 12.92
CA THR A 4 27.54 -9.38 13.23
C THR A 4 27.38 -10.38 14.40
N PRO A 5 26.14 -10.50 14.92
CA PRO A 5 25.89 -11.11 16.22
C PRO A 5 26.23 -12.57 16.26
N LEU A 6 26.79 -13.02 17.38
CA LEU A 6 27.02 -14.43 17.60
C LEU A 6 25.69 -15.08 17.96
N MET A 7 25.31 -16.11 17.22
CA MET A 7 24.03 -16.79 17.45
C MET A 7 24.16 -17.88 18.52
N VAL A 8 23.56 -17.67 19.68
CA VAL A 8 23.60 -18.68 20.73
C VAL A 8 22.21 -19.21 21.06
N ASN A 9 22.15 -20.50 21.40
CA ASN A 9 20.88 -21.15 21.62
C ASN A 9 20.70 -21.58 23.06
N GLY A 10 19.70 -21.04 23.73
CA GLY A 10 19.39 -21.44 25.10
C GLY A 10 18.27 -22.46 25.13
N ILE A 11 18.28 -23.33 26.14
CA ILE A 11 17.18 -24.27 26.32
C ILE A 11 16.17 -23.75 27.33
N LEU A 12 14.91 -23.74 26.93
CA LEU A 12 13.83 -23.23 27.77
C LEU A 12 13.96 -23.89 29.13
N GLY A 13 13.90 -23.08 30.18
CA GLY A 13 13.97 -23.61 31.54
C GLY A 13 15.38 -23.65 32.13
N GLU A 14 16.38 -23.89 31.29
CA GLU A 14 17.76 -23.98 31.74
C GLU A 14 18.49 -22.66 31.64
N SER A 15 19.83 -22.69 31.65
CA SER A 15 20.62 -21.47 31.77
C SER A 15 21.51 -21.28 30.56
N VAL A 16 22.17 -20.13 30.49
CA VAL A 16 23.05 -19.85 29.37
C VAL A 16 24.06 -18.74 29.68
N THR A 17 25.22 -18.79 29.03
CA THR A 17 26.24 -17.78 29.19
C THR A 17 26.52 -17.12 27.85
N LEU A 18 26.54 -15.80 27.82
CA LEU A 18 27.03 -15.07 26.66
C LEU A 18 28.45 -14.62 26.99
N PRO A 19 29.43 -15.33 26.44
CA PRO A 19 30.83 -15.15 26.79
C PRO A 19 31.37 -13.83 26.28
N LEU A 20 31.40 -12.84 27.13
CA LEU A 20 32.02 -11.56 26.76
C LEU A 20 33.52 -11.74 26.68
N GLU A 21 34.11 -11.19 25.62
CA GLU A 21 35.51 -11.47 25.30
C GLU A 21 36.26 -10.25 24.79
N PHE A 22 37.50 -10.49 24.38
CA PHE A 22 38.37 -9.48 23.78
C PHE A 22 39.04 -10.18 22.58
N PRO A 23 40.07 -9.56 21.94
CA PRO A 23 40.93 -8.39 22.09
C PRO A 23 40.46 -7.20 22.92
N ALA A 24 41.42 -6.63 23.65
CA ALA A 24 41.25 -5.35 24.33
C ALA A 24 42.54 -4.53 24.11
N GLY A 25 43.35 -4.38 25.14
CA GLY A 25 44.59 -3.64 25.03
C GLY A 25 44.55 -2.33 25.80
N GLU A 26 43.45 -1.58 25.63
CA GLU A 26 43.23 -0.34 26.38
C GLU A 26 42.44 -0.63 27.64
N LYS A 27 42.59 0.23 28.65
CA LYS A 27 41.91 0.00 29.93
C LYS A 27 40.39 0.18 29.86
N VAL A 28 39.67 -0.91 30.12
CA VAL A 28 38.23 -0.85 30.28
C VAL A 28 37.85 0.03 31.47
N ASN A 29 36.98 1.01 31.25
CA ASN A 29 36.49 1.84 32.34
C ASN A 29 35.17 1.28 32.87
N PHE A 30 34.27 0.93 31.95
CA PHE A 30 32.98 0.38 32.33
C PHE A 30 32.58 -0.69 31.35
N ILE A 31 31.60 -1.50 31.75
CA ILE A 31 30.92 -2.31 30.79
C ILE A 31 29.41 -2.32 31.03
N THR A 32 28.67 -2.25 29.93
CA THR A 32 27.22 -2.24 29.98
C THR A 32 26.68 -3.44 29.25
N TRP A 33 25.66 -4.06 29.83
CA TRP A 33 24.99 -5.14 29.14
C TRP A 33 23.63 -4.66 28.69
N LEU A 34 23.41 -4.72 27.38
CA LEU A 34 22.19 -4.20 26.77
C LEU A 34 21.35 -5.32 26.21
N PHE A 35 20.05 -5.14 26.27
CA PHE A 35 19.13 -6.14 25.75
C PHE A 35 17.99 -5.43 25.01
N ASN A 36 17.91 -5.68 23.71
CA ASN A 36 17.01 -4.93 22.82
C ASN A 36 17.15 -3.40 22.96
N GLU A 37 16.03 -2.72 23.13
CA GLU A 37 16.08 -1.25 23.27
C GLU A 37 16.70 -0.87 24.61
N THR A 38 16.70 -1.80 25.56
CA THR A 38 16.97 -1.48 26.97
C THR A 38 18.38 -1.85 27.44
N SER A 39 18.72 -1.37 28.63
CA SER A 39 19.94 -1.79 29.29
C SER A 39 19.63 -2.80 30.39
N LEU A 40 20.50 -3.79 30.56
CA LEU A 40 20.33 -4.79 31.61
C LEU A 40 21.14 -4.44 32.85
N ALA A 41 22.43 -4.20 32.63
CA ALA A 41 23.37 -4.08 33.72
C ALA A 41 24.49 -3.12 33.42
N PHE A 42 24.83 -2.29 34.42
CA PHE A 42 26.00 -1.45 34.37
C PHE A 42 27.06 -2.03 35.28
N ILE A 43 28.29 -2.12 34.79
CA ILE A 43 29.37 -2.74 35.57
C ILE A 43 30.62 -1.88 35.61
N VAL A 44 31.04 -1.46 36.79
CA VAL A 44 32.35 -0.81 36.92
C VAL A 44 33.37 -1.87 37.32
N PRO A 45 34.22 -2.29 36.38
CA PRO A 45 35.21 -3.31 36.68
C PRO A 45 36.31 -2.76 37.56
N HIS A 46 36.86 -3.61 38.41
CA HIS A 46 38.01 -3.26 39.25
C HIS A 46 39.00 -4.41 39.31
N GLU A 47 40.29 -4.05 39.33
CA GLU A 47 41.37 -4.99 39.53
C GLU A 47 41.38 -5.49 40.97
N THR A 48 41.65 -4.59 41.91
CA THR A 48 41.79 -4.92 43.33
C THR A 48 40.49 -5.38 44.01
N LYS A 49 39.42 -4.62 43.80
CA LYS A 49 38.14 -4.83 44.47
C LYS A 49 37.25 -5.78 43.68
N SER A 50 36.12 -6.14 44.27
CA SER A 50 35.00 -6.63 43.50
C SER A 50 34.54 -5.46 42.63
N PRO A 51 33.77 -5.76 41.58
CA PRO A 51 33.29 -4.69 40.74
C PRO A 51 31.97 -4.16 41.28
N GLU A 52 31.65 -2.90 41.00
CA GLU A 52 30.32 -2.40 41.30
C GLU A 52 29.40 -2.80 40.19
N ILE A 53 28.39 -3.61 40.50
CA ILE A 53 27.41 -4.03 39.50
C ILE A 53 26.04 -3.44 39.76
N HIS A 54 25.50 -2.80 38.74
CA HIS A 54 24.20 -2.16 38.85
C HIS A 54 23.27 -2.81 37.87
N VAL A 55 22.23 -3.45 38.38
CA VAL A 55 21.22 -4.04 37.53
C VAL A 55 20.17 -2.97 37.24
N THR A 56 20.02 -2.66 35.95
CA THR A 56 19.17 -1.56 35.52
C THR A 56 17.83 -2.07 35.02
N ASN A 57 17.72 -3.38 34.87
CA ASN A 57 16.50 -3.97 34.37
C ASN A 57 15.90 -4.98 35.34
N PRO A 58 15.04 -4.51 36.24
CA PRO A 58 14.38 -5.25 37.30
C PRO A 58 14.08 -6.70 36.93
N LYS A 59 13.09 -6.91 36.07
CA LYS A 59 12.58 -8.25 35.75
C LYS A 59 13.67 -9.31 35.50
N GLN A 60 14.14 -9.37 34.26
CA GLN A 60 15.17 -10.33 33.88
C GLN A 60 16.14 -10.49 35.03
N GLY A 61 16.63 -9.36 35.53
CA GLY A 61 17.62 -9.28 36.61
C GLY A 61 17.53 -10.31 37.72
N LYS A 62 16.33 -10.78 38.04
CA LYS A 62 16.20 -11.82 39.04
C LYS A 62 17.08 -13.02 38.70
N ARG A 63 17.12 -13.40 37.41
CA ARG A 63 17.75 -14.65 36.98
C ARG A 63 19.10 -14.39 36.33
N LEU A 64 19.73 -13.30 36.77
CA LEU A 64 20.89 -12.75 36.10
C LEU A 64 22.14 -12.80 36.96
N ASN A 65 23.25 -13.30 36.42
CA ASN A 65 24.53 -13.24 37.12
C ASN A 65 25.66 -12.93 36.15
N PHE A 66 26.87 -12.77 36.68
CA PHE A 66 28.03 -12.46 35.85
C PHE A 66 29.25 -13.27 36.24
N THR A 67 30.06 -13.65 35.27
CA THR A 67 31.24 -14.43 35.58
C THR A 67 32.35 -13.54 36.11
N GLN A 68 33.46 -14.18 36.46
CA GLN A 68 34.65 -13.49 36.86
C GLN A 68 35.08 -12.53 35.75
N SER A 69 34.61 -12.78 34.53
CA SER A 69 35.03 -11.99 33.37
C SER A 69 33.92 -11.09 32.83
N TYR A 70 32.80 -11.06 33.54
CA TYR A 70 31.68 -10.20 33.19
C TYR A 70 30.92 -10.73 31.98
N SER A 71 31.04 -12.03 31.74
CA SER A 71 30.14 -12.69 30.82
C SER A 71 28.75 -12.73 31.43
N LEU A 72 27.73 -12.59 30.58
CA LEU A 72 26.35 -12.63 31.05
C LEU A 72 25.96 -14.06 31.33
N GLN A 73 25.34 -14.27 32.48
CA GLN A 73 24.83 -15.59 32.85
C GLN A 73 23.35 -15.45 33.11
N LEU A 74 22.56 -16.17 32.33
CA LEU A 74 21.11 -16.09 32.44
C LEU A 74 20.55 -17.46 32.76
N SER A 75 19.79 -17.55 33.83
CA SER A 75 19.29 -18.85 34.28
C SER A 75 17.78 -18.95 34.16
N ASN A 76 17.26 -20.17 34.28
CA ASN A 76 15.83 -20.44 34.17
C ASN A 76 15.25 -19.60 33.04
N LEU A 77 15.72 -19.88 31.83
CA LEU A 77 15.39 -19.11 30.64
C LEU A 77 13.91 -19.19 30.29
N LYS A 78 13.34 -18.04 29.95
CA LYS A 78 11.96 -17.95 29.51
C LYS A 78 11.91 -17.60 28.03
N MET A 79 10.76 -17.82 27.40
CA MET A 79 10.55 -17.38 26.02
C MET A 79 10.83 -15.89 25.83
N GLU A 80 10.31 -15.07 26.73
CA GLU A 80 10.51 -13.63 26.62
C GLU A 80 11.97 -13.28 26.87
N ASP A 81 12.83 -14.29 26.85
CA ASP A 81 14.27 -14.08 26.98
C ASP A 81 14.95 -13.90 25.62
N THR A 82 14.27 -14.33 24.56
CA THR A 82 14.81 -14.25 23.20
C THR A 82 15.07 -12.83 22.77
N GLY A 83 16.13 -12.59 22.02
CA GLY A 83 16.42 -11.25 21.58
C GLY A 83 17.88 -10.95 21.35
N SER A 84 18.20 -9.67 21.19
CA SER A 84 19.56 -9.26 20.93
C SER A 84 20.24 -8.74 22.18
N TYR A 85 21.30 -9.42 22.60
CA TYR A 85 22.12 -8.98 23.71
C TYR A 85 23.40 -8.37 23.19
N ARG A 86 23.90 -7.33 23.87
CA ARG A 86 25.07 -6.59 23.43
C ARG A 86 25.92 -6.09 24.58
N ALA A 87 27.22 -6.34 24.52
CA ALA A 87 28.11 -5.89 25.57
C ALA A 87 28.87 -4.66 25.08
N GLN A 88 28.70 -3.54 25.78
CA GLN A 88 29.39 -2.31 25.39
C GLN A 88 30.55 -2.02 26.31
N ILE A 89 31.75 -2.32 25.83
CA ILE A 89 32.96 -2.10 26.61
C ILE A 89 33.40 -0.66 26.45
N SER A 90 33.08 0.16 27.43
CA SER A 90 33.38 1.58 27.38
C SER A 90 34.79 1.82 27.82
N THR A 91 35.65 2.07 26.85
CA THR A 91 37.03 2.39 27.15
C THR A 91 37.17 3.90 27.27
N LYS A 92 38.34 4.45 26.99
CA LYS A 92 38.54 5.88 27.17
C LYS A 92 38.51 6.65 25.85
N THR A 93 38.38 5.93 24.75
CA THR A 93 38.38 6.56 23.43
C THR A 93 37.43 5.84 22.50
N SER A 94 36.84 4.75 22.98
CA SER A 94 35.97 3.94 22.15
C SER A 94 34.92 3.25 23.01
N ALA A 95 33.92 2.68 22.36
CA ALA A 95 32.90 1.93 23.06
C ALA A 95 32.44 0.83 22.13
N LYS A 96 33.19 -0.26 22.09
CA LYS A 96 32.90 -1.32 21.15
C LYS A 96 31.85 -2.30 21.65
N LEU A 97 31.10 -2.86 20.72
CA LEU A 97 29.96 -3.69 21.06
C LEU A 97 30.24 -5.11 20.68
N SER A 98 29.93 -6.02 21.59
CA SER A 98 29.81 -7.42 21.23
C SER A 98 28.33 -7.71 21.14
N SER A 99 27.93 -8.34 20.05
CA SER A 99 26.51 -8.63 19.88
C SER A 99 26.21 -10.12 19.89
N TYR A 100 25.13 -10.51 20.53
CA TYR A 100 24.69 -11.89 20.51
C TYR A 100 23.24 -11.93 20.13
N THR A 101 22.83 -13.01 19.47
CA THR A 101 21.42 -13.27 19.29
C THR A 101 21.02 -14.50 20.09
N LEU A 102 20.27 -14.26 21.16
CA LEU A 102 19.82 -15.36 22.00
C LEU A 102 18.52 -15.97 21.47
N ARG A 103 18.52 -17.28 21.28
CA ARG A 103 17.29 -17.98 20.91
C ARG A 103 16.95 -19.01 21.97
N ILE A 104 15.65 -19.20 22.21
CA ILE A 104 15.21 -20.11 23.27
C ILE A 104 14.28 -21.16 22.68
N LEU A 105 14.66 -22.43 22.76
CA LEU A 105 13.83 -23.47 22.18
C LEU A 105 13.65 -24.65 23.11
N ARG A 106 12.43 -25.19 23.12
CA ARG A 106 12.15 -26.39 23.88
C ARG A 106 12.87 -27.56 23.23
N GLN A 107 13.26 -28.54 24.02
CA GLN A 107 13.93 -29.70 23.47
C GLN A 107 12.91 -30.59 22.78
N LEU A 108 13.18 -30.98 21.54
CA LEU A 108 12.24 -31.79 20.80
C LEU A 108 11.96 -33.06 21.57
N ARG A 109 10.70 -33.46 21.63
CA ARG A 109 10.33 -34.74 22.23
C ARG A 109 9.19 -35.44 21.48
N ASN A 110 8.96 -36.70 21.83
CA ASN A 110 7.88 -37.52 21.26
C ASN A 110 7.82 -37.59 19.74
N ILE A 111 8.94 -37.89 19.09
CA ILE A 111 8.92 -38.07 17.65
C ILE A 111 8.06 -39.28 17.32
N GLN A 112 7.22 -39.14 16.30
CA GLN A 112 6.33 -40.22 15.91
C GLN A 112 6.20 -40.27 14.40
N VAL A 113 5.78 -41.41 13.88
CA VAL A 113 5.60 -41.61 12.45
C VAL A 113 4.29 -42.35 12.23
N THR A 114 3.44 -41.81 11.35
CA THR A 114 2.20 -42.50 11.00
C THR A 114 2.15 -42.75 9.50
N ASN A 115 1.46 -43.81 9.10
CA ASN A 115 1.30 -44.14 7.69
C ASN A 115 -0.14 -44.29 7.23
N HIS A 116 -0.35 -44.18 5.93
CA HIS A 116 -1.71 -44.15 5.38
C HIS A 116 -1.82 -45.02 4.13
N SER A 117 -1.60 -46.32 4.31
CA SER A 117 -1.56 -47.29 3.20
C SER A 117 -0.23 -47.20 2.45
N GLN A 121 -0.55 -54.24 0.03
CA GLN A 121 -1.19 -54.26 -1.29
C GLN A 121 -0.84 -53.02 -2.11
N ASN A 122 -0.58 -53.20 -3.41
CA ASN A 122 -0.54 -54.53 -4.03
C ASN A 122 0.90 -55.06 -4.11
N MET A 123 1.25 -55.70 -5.22
CA MET A 123 2.62 -56.19 -5.42
C MET A 123 3.61 -55.04 -5.17
N THR A 124 3.31 -53.88 -5.75
CA THR A 124 4.04 -52.66 -5.47
C THR A 124 3.36 -51.89 -4.34
N CYS A 125 4.13 -51.53 -3.32
CA CYS A 125 3.59 -50.85 -2.15
C CYS A 125 3.92 -49.36 -2.22
N GLU A 126 2.92 -48.51 -1.98
CA GLU A 126 3.14 -47.07 -1.93
C GLU A 126 2.75 -46.50 -0.57
N LEU A 127 3.71 -45.97 0.16
CA LEU A 127 3.44 -45.45 1.49
C LEU A 127 3.38 -43.93 1.56
N HIS A 128 2.44 -43.43 2.35
CA HIS A 128 2.38 -42.02 2.66
C HIS A 128 2.72 -41.85 4.13
N LEU A 129 3.90 -41.31 4.38
CA LEU A 129 4.44 -41.24 5.73
C LEU A 129 4.46 -39.81 6.19
N THR A 130 4.05 -39.58 7.43
CA THR A 130 4.29 -38.28 8.02
C THR A 130 4.97 -38.38 9.37
N CYS A 131 5.98 -37.53 9.55
CA CYS A 131 6.73 -37.46 10.78
C CYS A 131 6.23 -36.29 11.57
N SER A 132 5.91 -36.54 12.84
CA SER A 132 5.48 -35.47 13.72
C SER A 132 6.39 -35.41 14.94
N VAL A 133 6.21 -34.37 15.74
CA VAL A 133 7.03 -34.14 16.93
C VAL A 133 6.23 -33.31 17.91
N GLU A 134 6.70 -33.15 19.15
CA GLU A 134 6.02 -32.26 20.09
C GLU A 134 6.90 -31.11 20.57
N ASP A 135 6.27 -29.97 20.82
CA ASP A 135 7.02 -28.80 21.24
C ASP A 135 7.83 -28.30 20.05
N ALA A 136 7.28 -28.50 18.85
CA ALA A 136 7.88 -27.98 17.65
C ALA A 136 7.81 -26.45 17.62
N ASP A 137 8.52 -25.86 16.66
CA ASP A 137 8.39 -24.44 16.31
C ASP A 137 8.51 -24.28 14.81
N ASP A 138 8.53 -23.05 14.36
CA ASP A 138 8.70 -22.77 12.93
C ASP A 138 10.11 -23.19 12.51
N ASN A 139 11.02 -23.25 13.50
CA ASN A 139 12.40 -23.63 13.25
C ASN A 139 12.73 -25.06 13.64
N VAL A 140 11.76 -25.95 13.47
CA VAL A 140 12.04 -27.38 13.46
C VAL A 140 12.42 -27.69 12.03
N SER A 141 12.98 -28.86 11.80
CA SER A 141 13.28 -29.26 10.45
C SER A 141 13.36 -30.77 10.35
N PHE A 142 12.58 -31.34 9.44
CA PHE A 142 12.52 -32.78 9.22
C PHE A 142 13.29 -33.19 7.98
N ARG A 143 13.63 -34.47 7.93
CA ARG A 143 14.04 -35.08 6.68
C ARG A 143 13.88 -36.59 6.78
N TRP A 144 13.59 -37.23 5.65
CA TRP A 144 13.46 -38.68 5.60
C TRP A 144 14.67 -39.21 4.90
N GLU A 145 15.23 -40.30 5.41
CA GLU A 145 16.46 -40.82 4.83
C GLU A 145 16.41 -42.32 4.68
N ALA A 146 16.99 -42.81 3.59
CA ALA A 146 17.18 -44.23 3.39
C ALA A 146 18.58 -44.46 2.83
N LEU A 147 19.29 -45.44 3.41
CA LEU A 147 20.66 -45.74 3.00
C LEU A 147 21.51 -44.47 2.86
N GLY A 148 21.37 -43.57 3.82
CA GLY A 148 22.13 -42.32 3.81
C GLY A 148 21.78 -41.40 2.67
N ASN A 149 20.64 -41.64 2.03
CA ASN A 149 20.12 -40.75 0.99
C ASN A 149 18.87 -40.04 1.44
N THR A 150 18.73 -38.77 1.06
CA THR A 150 17.58 -37.98 1.50
C THR A 150 16.42 -38.03 0.52
N LEU A 151 15.36 -38.72 0.93
CA LEU A 151 14.16 -38.84 0.13
C LEU A 151 13.30 -37.57 0.19
N SER A 152 13.42 -36.82 1.27
CA SER A 152 12.55 -35.68 1.49
C SER A 152 13.06 -34.80 2.61
N SER A 153 12.84 -33.50 2.48
CA SER A 153 13.23 -32.56 3.52
C SER A 153 12.03 -31.97 4.23
N GLN A 154 10.89 -32.65 4.15
CA GLN A 154 9.72 -32.21 4.88
C GLN A 154 9.18 -33.34 5.71
N PRO A 155 8.22 -33.04 6.60
CA PRO A 155 7.61 -34.07 7.43
C PRO A 155 6.90 -35.12 6.60
N ASN A 156 6.66 -34.82 5.34
CA ASN A 156 5.94 -35.74 4.49
C ASN A 156 6.83 -36.44 3.50
N LEU A 157 6.69 -37.77 3.46
CA LEU A 157 7.36 -38.59 2.46
C LEU A 157 6.36 -39.56 1.83
N THR A 158 6.30 -39.58 0.51
CA THR A 158 5.59 -40.65 -0.16
C THR A 158 6.56 -41.32 -1.12
N VAL A 159 6.67 -42.65 -1.03
CA VAL A 159 7.57 -43.42 -1.89
C VAL A 159 7.00 -44.77 -2.30
N SER A 160 7.41 -45.26 -3.46
CA SER A 160 7.11 -46.61 -3.89
C SER A 160 8.12 -47.63 -3.36
N TRP A 161 7.62 -48.80 -2.96
CA TRP A 161 8.50 -49.86 -2.48
C TRP A 161 8.11 -51.22 -3.02
N ASP A 162 9.00 -51.80 -3.81
CA ASP A 162 8.83 -53.15 -4.33
C ASP A 162 9.80 -54.11 -3.66
N PRO A 163 9.27 -55.15 -3.00
CA PRO A 163 10.08 -56.04 -2.19
C PRO A 163 11.22 -56.65 -2.99
N ARG A 164 11.06 -56.67 -4.32
CA ARG A 164 11.95 -57.44 -5.15
C ARG A 164 12.86 -56.60 -6.07
N ILE A 165 12.85 -55.29 -5.92
CA ILE A 165 13.83 -54.45 -6.63
C ILE A 165 14.23 -53.21 -5.86
N SER A 166 13.37 -52.77 -4.95
CA SER A 166 13.74 -51.69 -4.04
C SER A 166 14.90 -52.13 -3.19
N SER A 167 15.93 -51.29 -3.13
CA SER A 167 17.18 -51.66 -2.46
C SER A 167 17.10 -51.43 -0.94
N GLU A 168 16.56 -50.29 -0.52
CA GLU A 168 16.36 -50.02 0.90
C GLU A 168 15.17 -50.82 1.45
N GLN A 169 15.16 -51.07 2.76
CA GLN A 169 14.08 -51.85 3.40
C GLN A 169 13.39 -51.04 4.48
N ASP A 170 13.88 -49.82 4.72
CA ASP A 170 13.41 -49.00 5.84
C ASP A 170 13.34 -47.54 5.44
N TYR A 171 12.58 -46.75 6.20
CA TYR A 171 12.58 -45.29 6.00
C TYR A 171 12.75 -44.64 7.35
N THR A 172 13.60 -43.62 7.39
CA THR A 172 13.97 -43.06 8.68
C THR A 172 13.69 -41.57 8.68
N CYS A 173 12.91 -41.10 9.64
CA CYS A 173 12.67 -39.69 9.80
C CYS A 173 13.61 -39.17 10.84
N ILE A 174 14.24 -38.03 10.55
CA ILE A 174 15.11 -37.35 11.50
C ILE A 174 14.59 -35.94 11.70
N ALA A 175 14.32 -35.57 12.94
CA ALA A 175 13.81 -34.24 13.26
C ALA A 175 14.80 -33.56 14.16
N GLU A 176 15.20 -32.35 13.82
CA GLU A 176 16.19 -31.69 14.64
C GLU A 176 16.02 -30.18 14.72
N ASN A 177 16.43 -29.60 15.83
CA ASN A 177 16.64 -28.17 15.94
C ASN A 177 18.00 -27.90 16.59
N ALA A 178 18.31 -26.65 16.84
CA ALA A 178 19.65 -26.30 17.31
C ALA A 178 20.08 -27.03 18.57
N VAL A 179 19.16 -27.72 19.25
CA VAL A 179 19.49 -28.36 20.52
C VAL A 179 18.83 -29.71 20.67
N SER A 180 18.29 -30.24 19.58
CA SER A 180 17.65 -31.55 19.61
C SER A 180 17.93 -32.31 18.35
N ASN A 181 17.97 -33.64 18.46
CA ASN A 181 18.17 -34.49 17.31
C ASN A 181 17.52 -35.85 17.53
N LEU A 182 16.37 -36.08 16.89
CA LEU A 182 15.59 -37.29 17.16
C LEU A 182 15.42 -38.07 15.88
N SER A 183 15.08 -39.35 15.98
CA SER A 183 14.90 -40.17 14.80
C SER A 183 14.08 -41.40 15.09
N PHE A 184 13.30 -41.81 14.11
CA PHE A 184 12.40 -42.93 14.21
C PHE A 184 12.58 -43.56 12.86
N SER A 185 12.53 -44.88 12.79
CA SER A 185 12.64 -45.46 11.48
C SER A 185 11.55 -46.50 11.40
N VAL A 186 11.12 -46.77 10.17
CA VAL A 186 10.00 -47.68 9.92
C VAL A 186 10.38 -48.67 8.84
N SER A 187 9.72 -49.82 8.87
CA SER A 187 10.01 -50.93 7.99
C SER A 187 8.96 -51.07 6.92
N ALA A 188 9.35 -50.88 5.66
CA ALA A 188 8.47 -51.18 4.54
C ALA A 188 7.85 -52.56 4.67
N GLN A 189 8.67 -53.57 4.97
CA GLN A 189 8.16 -54.95 4.99
C GLN A 189 7.11 -55.16 6.08
N LYS A 190 6.92 -54.15 6.92
CA LYS A 190 5.95 -54.25 7.99
C LYS A 190 4.78 -53.34 7.72
N LEU A 191 5.08 -52.17 7.18
CA LEU A 191 4.05 -51.21 6.84
C LEU A 191 3.21 -51.63 5.64
N CYS A 192 3.73 -52.56 4.83
CA CYS A 192 2.99 -53.08 3.68
C CYS A 192 2.39 -54.46 3.94
N GLU A 193 1.68 -54.61 5.05
CA GLU A 193 1.05 -55.88 5.43
C GLU A 193 2.08 -56.95 5.77
N LEU B 3 4.88 5.71 25.54
CA LEU B 3 5.46 5.46 24.19
C LEU B 3 4.99 6.53 23.19
N THR B 4 5.95 7.10 22.47
CA THR B 4 5.65 7.98 21.33
C THR B 4 6.48 7.59 20.09
N PRO B 5 7.71 8.15 19.93
CA PRO B 5 8.50 9.05 20.75
C PRO B 5 8.28 10.53 20.40
N LEU B 6 9.06 11.40 21.04
CA LEU B 6 8.90 12.84 20.89
C LEU B 6 9.87 13.45 19.89
N MET B 7 9.37 13.77 18.69
CA MET B 7 10.18 14.38 17.65
C MET B 7 10.86 15.65 18.13
N VAL B 8 12.17 15.76 17.91
CA VAL B 8 12.92 16.95 18.31
C VAL B 8 13.82 17.46 17.19
N ASN B 9 13.78 18.78 16.98
CA ASN B 9 14.56 19.41 15.94
C ASN B 9 15.78 20.10 16.48
N GLY B 10 16.95 19.53 16.17
CA GLY B 10 18.20 20.21 16.45
C GLY B 10 18.71 20.92 15.21
N ILE B 11 19.31 22.09 15.41
CA ILE B 11 20.01 22.79 14.33
C ILE B 11 21.50 22.42 14.30
N LEU B 12 21.99 22.01 13.13
CA LEU B 12 23.42 21.76 12.95
C LEU B 12 24.26 22.85 13.63
N GLY B 13 25.24 22.43 14.43
CA GLY B 13 26.17 23.37 15.01
C GLY B 13 25.65 24.08 16.24
N GLU B 14 24.35 23.99 16.50
CA GLU B 14 23.84 24.50 17.76
C GLU B 14 23.62 23.35 18.75
N SER B 15 22.94 23.63 19.86
CA SER B 15 22.69 22.60 20.85
C SER B 15 21.20 22.30 21.03
N VAL B 16 20.93 21.40 21.96
CA VAL B 16 19.57 20.93 22.22
C VAL B 16 19.62 20.13 23.50
N THR B 17 18.66 20.36 24.40
CA THR B 17 18.54 19.48 25.53
C THR B 17 17.38 18.53 25.28
N LEU B 18 17.28 17.50 26.11
CA LEU B 18 16.16 16.58 26.08
C LEU B 18 15.73 16.43 27.52
N PRO B 19 14.51 16.91 27.84
CA PRO B 19 14.01 17.01 29.21
C PRO B 19 13.48 15.68 29.74
N LEU B 20 13.67 15.43 31.02
CA LEU B 20 13.13 14.25 31.67
C LEU B 20 11.85 14.53 32.44
N GLU B 21 11.05 13.48 32.65
CA GLU B 21 9.81 13.59 33.42
C GLU B 21 9.74 12.53 34.52
N PHE B 22 9.76 12.98 35.77
CA PHE B 22 9.51 12.13 36.95
C PHE B 22 9.22 13.00 38.18
N PRO B 23 8.93 12.37 39.33
CA PRO B 23 8.86 10.94 39.56
C PRO B 23 7.43 10.40 39.39
N ALA B 24 6.45 11.27 39.61
CA ALA B 24 5.04 10.89 39.49
C ALA B 24 4.67 9.78 40.45
N GLY B 25 5.61 9.36 41.30
CA GLY B 25 5.34 8.33 42.30
C GLY B 25 6.58 7.59 42.79
N GLU B 26 7.17 6.78 41.91
CA GLU B 26 8.34 5.97 42.26
C GLU B 26 9.60 6.79 42.44
N LYS B 27 10.68 6.11 42.86
CA LYS B 27 11.97 6.74 43.04
C LYS B 27 13.02 6.04 42.17
N VAL B 28 13.90 6.84 41.58
CA VAL B 28 14.91 6.30 40.68
C VAL B 28 16.22 6.00 41.39
N ASN B 29 16.77 4.83 41.11
CA ASN B 29 18.10 4.45 41.58
C ASN B 29 19.15 4.94 40.60
N PHE B 30 18.84 4.82 39.31
CA PHE B 30 19.73 5.31 38.28
C PHE B 30 18.99 5.69 37.01
N ILE B 31 19.71 6.36 36.12
CA ILE B 31 19.21 6.76 34.83
C ILE B 31 20.24 6.36 33.78
N THR B 32 19.78 5.85 32.65
CA THR B 32 20.69 5.54 31.57
C THR B 32 20.23 6.25 30.31
N TRP B 33 21.11 7.05 29.75
CA TRP B 33 20.82 7.68 28.48
C TRP B 33 21.37 6.82 27.34
N LEU B 34 20.48 6.40 26.44
CA LEU B 34 20.83 5.52 25.34
C LEU B 34 20.82 6.23 23.99
N PHE B 35 21.69 5.81 23.09
CA PHE B 35 21.70 6.35 21.73
C PHE B 35 21.78 5.19 20.76
N ASN B 36 20.73 5.03 19.97
CA ASN B 36 20.65 3.93 19.00
C ASN B 36 21.05 2.60 19.62
N GLU B 37 22.15 2.06 19.13
CA GLU B 37 22.59 0.73 19.53
C GLU B 37 23.33 0.72 20.85
N THR B 38 23.68 1.90 21.36
CA THR B 38 24.64 2.00 22.44
C THR B 38 24.10 2.72 23.66
N SER B 39 24.89 2.71 24.73
CA SER B 39 24.62 3.48 25.92
C SER B 39 25.45 4.76 25.90
N LEU B 40 24.92 5.84 26.44
CA LEU B 40 25.67 7.08 26.49
C LEU B 40 26.21 7.37 27.85
N ALA B 41 25.35 7.24 28.86
CA ALA B 41 25.71 7.63 30.21
C ALA B 41 24.92 6.87 31.24
N PHE B 42 25.59 6.52 32.33
CA PHE B 42 24.93 6.00 33.51
C PHE B 42 24.94 7.14 34.51
N ILE B 43 23.81 7.43 35.13
CA ILE B 43 23.73 8.49 36.11
C ILE B 43 23.22 7.97 37.44
N VAL B 44 23.98 8.19 38.50
CA VAL B 44 23.56 7.76 39.83
C VAL B 44 23.22 8.98 40.68
N PRO B 45 21.92 9.34 40.74
CA PRO B 45 21.49 10.57 41.41
C PRO B 45 21.60 10.52 42.93
N HIS B 46 21.92 11.67 43.53
CA HIS B 46 21.81 11.84 44.98
C HIS B 46 20.91 13.02 45.26
N GLU B 47 19.70 12.74 45.72
CA GLU B 47 18.78 13.80 46.09
C GLU B 47 19.47 14.62 47.17
N THR B 48 20.13 13.91 48.07
CA THR B 48 20.79 14.49 49.24
C THR B 48 22.13 15.15 48.92
N LYS B 49 22.68 14.84 47.75
CA LYS B 49 23.99 15.39 47.34
C LYS B 49 24.03 15.66 45.84
N SER B 50 25.20 15.43 45.23
CA SER B 50 25.38 15.61 43.80
C SER B 50 25.48 14.27 43.10
N PRO B 51 25.30 14.26 41.76
CA PRO B 51 25.20 13.04 40.98
C PRO B 51 26.54 12.43 40.59
N GLU B 52 26.54 11.13 40.35
CA GLU B 52 27.69 10.45 39.75
C GLU B 52 27.37 10.12 38.31
N ILE B 53 28.04 10.79 37.37
CA ILE B 53 27.72 10.66 35.96
C ILE B 53 28.83 9.94 35.22
N HIS B 54 28.66 8.64 35.01
CA HIS B 54 29.62 7.88 34.23
C HIS B 54 29.23 7.88 32.76
N VAL B 55 29.95 8.65 31.95
CA VAL B 55 29.70 8.62 30.51
C VAL B 55 30.35 7.37 29.91
N THR B 56 29.56 6.61 29.18
CA THR B 56 29.95 5.31 28.65
C THR B 56 30.26 5.33 27.15
N ASN B 57 30.13 6.50 26.53
CA ASN B 57 30.47 6.67 25.12
C ASN B 57 31.18 7.99 24.85
N PRO B 58 32.51 7.96 24.87
CA PRO B 58 33.35 9.16 24.82
C PRO B 58 33.27 9.90 23.48
N LYS B 59 32.64 9.29 22.49
CA LYS B 59 32.49 9.89 21.17
C LYS B 59 31.99 11.32 21.33
N GLN B 60 30.89 11.46 22.06
CA GLN B 60 30.40 12.76 22.48
C GLN B 60 31.37 13.32 23.50
N GLY B 61 32.22 14.25 23.03
CA GLY B 61 33.31 14.80 23.84
C GLY B 61 32.79 15.73 24.92
N LYS B 62 33.35 16.92 24.97
CA LYS B 62 32.86 17.97 25.85
C LYS B 62 31.45 18.32 25.41
N ARG B 63 31.02 17.71 24.30
CA ARG B 63 29.75 18.06 23.66
C ARG B 63 28.54 17.63 24.49
N LEU B 64 28.66 16.50 25.17
CA LEU B 64 27.60 15.97 26.00
C LEU B 64 27.54 16.59 27.40
N ASN B 65 26.34 16.73 27.93
CA ASN B 65 26.12 17.39 29.22
C ASN B 65 24.78 17.04 29.84
N PHE B 66 24.62 17.36 31.12
CA PHE B 66 23.40 17.03 31.83
C PHE B 66 22.96 18.15 32.77
N THR B 67 21.70 18.53 32.64
CA THR B 67 21.13 19.57 33.48
C THR B 67 21.06 19.09 34.92
N GLN B 68 20.69 20.01 35.80
CA GLN B 68 20.49 19.69 37.20
C GLN B 68 19.38 18.63 37.31
N SER B 69 18.56 18.57 36.27
CA SER B 69 17.41 17.68 36.21
C SER B 69 17.71 16.40 35.41
N TYR B 70 18.99 16.13 35.20
CA TYR B 70 19.43 14.93 34.48
C TYR B 70 18.88 14.89 33.06
N SER B 71 18.51 16.06 32.55
CA SER B 71 18.15 16.19 31.15
C SER B 71 19.43 16.20 30.35
N LEU B 72 19.44 15.46 29.25
CA LEU B 72 20.60 15.38 28.41
C LEU B 72 20.67 16.61 27.53
N GLN B 73 21.83 17.25 27.46
CA GLN B 73 22.01 18.31 26.47
C GLN B 73 23.26 18.15 25.61
N LEU B 74 23.05 18.12 24.29
CA LEU B 74 24.12 18.05 23.32
C LEU B 74 24.41 19.41 22.74
N SER B 75 25.68 19.82 22.74
CA SER B 75 26.04 21.06 22.07
C SER B 75 26.80 20.81 20.78
N ASN B 76 27.02 21.88 20.03
CA ASN B 76 27.63 21.82 18.72
C ASN B 76 27.26 20.54 17.98
N LEU B 77 25.98 20.43 17.63
CA LEU B 77 25.42 19.21 17.05
C LEU B 77 26.01 18.92 15.69
N LYS B 78 26.15 17.64 15.38
CA LYS B 78 26.65 17.21 14.09
C LYS B 78 25.60 16.31 13.50
N MET B 79 25.68 16.07 12.20
CA MET B 79 24.74 15.18 11.50
C MET B 79 24.74 13.79 12.13
N GLU B 80 25.92 13.35 12.59
CA GLU B 80 26.06 12.04 13.22
C GLU B 80 25.25 11.89 14.50
N ASP B 81 24.74 13.00 15.04
CA ASP B 81 23.89 12.97 16.24
C ASP B 81 22.44 12.58 15.95
N THR B 82 22.02 12.74 14.70
CA THR B 82 20.69 12.31 14.31
C THR B 82 20.44 10.90 14.80
N GLY B 83 19.22 10.62 15.25
CA GLY B 83 18.86 9.26 15.64
C GLY B 83 18.09 9.24 16.95
N SER B 84 17.95 8.05 17.52
CA SER B 84 17.09 7.88 18.69
C SER B 84 17.80 7.95 20.04
N TYR B 85 17.23 8.71 20.96
CA TYR B 85 17.71 8.77 22.33
C TYR B 85 16.65 8.31 23.29
N ARG B 86 17.02 7.47 24.26
CA ARG B 86 16.05 6.99 25.23
C ARG B 86 16.59 7.16 26.62
N ALA B 87 15.73 7.55 27.55
CA ALA B 87 16.12 7.62 28.95
C ALA B 87 15.49 6.47 29.74
N GLN B 88 16.33 5.67 30.35
CA GLN B 88 15.86 4.53 31.12
C GLN B 88 15.93 4.93 32.58
N ILE B 89 14.77 5.10 33.18
CA ILE B 89 14.69 5.51 34.56
C ILE B 89 14.40 4.28 35.41
N SER B 90 15.42 3.81 36.13
CA SER B 90 15.31 2.57 36.90
C SER B 90 14.69 2.80 38.26
N THR B 91 13.43 2.40 38.38
CA THR B 91 12.79 2.33 39.69
C THR B 91 13.10 0.94 40.24
N LYS B 92 12.60 0.66 41.45
CA LYS B 92 12.83 -0.64 42.05
C LYS B 92 12.16 -1.76 41.25
N THR B 93 11.01 -1.45 40.68
CA THR B 93 10.13 -2.48 40.12
C THR B 93 10.06 -2.48 38.59
N SER B 94 10.66 -1.48 37.94
CA SER B 94 10.73 -1.47 36.48
C SER B 94 11.63 -0.37 35.91
N ALA B 95 11.72 -0.32 34.58
CA ALA B 95 12.64 0.57 33.91
C ALA B 95 11.99 1.20 32.68
N LYS B 96 11.15 2.20 32.91
CA LYS B 96 10.41 2.87 31.84
C LYS B 96 11.31 3.75 30.98
N LEU B 97 10.99 3.86 29.70
CA LEU B 97 11.80 4.63 28.77
C LEU B 97 11.06 5.85 28.28
N SER B 98 11.74 6.99 28.28
CA SER B 98 11.28 8.18 27.58
C SER B 98 12.03 8.21 26.26
N SER B 99 11.33 8.05 25.16
CA SER B 99 12.00 8.00 23.87
C SER B 99 11.97 9.35 23.17
N TYR B 100 13.05 9.64 22.46
CA TYR B 100 13.11 10.83 21.62
C TYR B 100 13.69 10.41 20.29
N THR B 101 13.30 11.11 19.22
CA THR B 101 13.95 10.94 17.93
C THR B 101 14.43 12.31 17.48
N LEU B 102 15.74 12.49 17.44
CA LEU B 102 16.33 13.78 17.16
C LEU B 102 16.76 13.89 15.69
N ARG B 103 16.17 14.84 14.97
CA ARG B 103 16.51 15.08 13.57
C ARG B 103 17.40 16.31 13.55
N ILE B 104 18.50 16.24 12.81
CA ILE B 104 19.37 17.42 12.71
C ILE B 104 19.15 18.17 11.41
N LEU B 105 18.62 19.39 11.53
CA LEU B 105 18.36 20.22 10.36
C LEU B 105 19.40 21.32 10.29
N ARG B 106 19.74 21.73 9.07
CA ARG B 106 20.66 22.84 8.87
C ARG B 106 19.89 24.11 8.55
N GLN B 107 20.42 25.25 8.94
CA GLN B 107 19.84 26.53 8.56
C GLN B 107 19.81 26.65 7.05
N LEU B 108 18.84 27.40 6.55
CA LEU B 108 18.77 27.73 5.14
C LEU B 108 19.74 28.86 4.87
N ARG B 109 20.53 28.69 3.82
CA ARG B 109 21.51 29.68 3.45
C ARG B 109 21.20 30.06 2.01
N ASN B 110 21.54 31.29 1.63
CA ASN B 110 21.57 31.62 0.22
C ASN B 110 20.30 31.33 -0.55
N ILE B 111 19.31 32.19 -0.41
CA ILE B 111 18.07 32.05 -1.17
C ILE B 111 18.20 32.79 -2.49
N GLN B 112 17.71 32.19 -3.57
CA GLN B 112 17.78 32.86 -4.88
C GLN B 112 16.50 32.82 -5.72
N VAL B 113 16.18 33.96 -6.33
CA VAL B 113 15.09 34.04 -7.31
C VAL B 113 15.65 34.08 -8.72
N THR B 114 15.11 33.27 -9.60
CA THR B 114 15.58 33.15 -10.99
C THR B 114 14.45 33.54 -11.92
N ASN B 115 14.78 34.20 -13.02
CA ASN B 115 13.77 34.71 -13.93
C ASN B 115 13.62 33.87 -15.19
N HIS B 116 12.56 33.09 -15.27
CA HIS B 116 12.26 32.32 -16.47
C HIS B 116 11.24 32.97 -17.41
N SER B 117 11.04 34.29 -17.27
CA SER B 117 10.09 35.02 -18.09
C SER B 117 10.47 34.98 -19.55
N GLN B 118 9.63 35.58 -20.40
CA GLN B 118 9.97 35.77 -21.81
C GLN B 118 11.02 36.87 -21.89
N LEU B 119 11.89 36.77 -22.90
CA LEU B 119 12.99 37.72 -23.04
C LEU B 119 12.49 39.16 -23.18
N PHE B 120 11.72 39.42 -24.24
CA PHE B 120 11.16 40.75 -24.49
C PHE B 120 9.79 40.94 -23.84
N GLN B 121 9.64 42.03 -23.07
CA GLN B 121 8.37 42.31 -22.39
C GLN B 121 7.52 43.35 -23.11
N ASN B 122 6.24 43.02 -23.28
CA ASN B 122 5.31 43.78 -24.14
C ASN B 122 4.39 44.77 -23.41
N MET B 123 4.93 45.42 -22.38
CA MET B 123 4.18 46.33 -21.50
C MET B 123 3.01 45.67 -20.78
N THR B 124 2.29 44.80 -21.47
CA THR B 124 1.38 43.88 -20.80
C THR B 124 2.25 42.68 -20.41
N CYS B 125 2.91 42.85 -19.26
CA CYS B 125 4.05 42.03 -18.84
C CYS B 125 3.69 40.78 -18.06
N GLU B 126 4.26 39.65 -18.47
CA GLU B 126 4.02 38.39 -17.77
C GLU B 126 5.34 37.76 -17.32
N LEU B 127 5.42 37.43 -16.04
CA LEU B 127 6.65 36.99 -15.39
C LEU B 127 6.57 35.56 -14.86
N HIS B 128 7.58 34.76 -15.19
CA HIS B 128 7.72 33.44 -14.60
C HIS B 128 8.98 33.40 -13.73
N LEU B 129 8.80 33.48 -12.42
CA LEU B 129 9.90 33.47 -11.47
C LEU B 129 9.98 32.13 -10.78
N THR B 130 11.07 31.91 -10.08
CA THR B 130 11.20 30.67 -9.34
C THR B 130 12.23 30.83 -8.24
N CYS B 131 11.90 30.30 -7.08
CA CYS B 131 12.69 30.51 -5.89
C CYS B 131 13.54 29.30 -5.58
N SER B 132 14.72 29.55 -5.01
CA SER B 132 15.71 28.51 -4.75
C SER B 132 16.30 28.64 -3.36
N VAL B 133 16.98 27.59 -2.94
CA VAL B 133 17.78 27.61 -1.72
C VAL B 133 19.04 26.80 -2.01
N GLU B 134 20.15 27.05 -1.29
CA GLU B 134 21.46 26.50 -1.74
C GLU B 134 21.40 25.01 -2.01
N ASP B 135 20.97 24.22 -1.04
CA ASP B 135 20.59 22.86 -1.36
C ASP B 135 19.15 22.51 -0.98
N ALA B 136 18.40 22.11 -2.01
CA ALA B 136 17.02 21.69 -1.88
C ALA B 136 16.92 20.48 -0.96
N ASP B 137 15.93 20.51 -0.08
CA ASP B 137 15.61 19.39 0.77
C ASP B 137 14.10 19.16 0.69
N ASP B 138 13.69 17.91 0.80
CA ASP B 138 12.27 17.58 0.81
C ASP B 138 11.54 18.50 1.78
N ASN B 139 12.26 18.98 2.80
CA ASN B 139 11.64 19.67 3.91
C ASN B 139 11.50 21.18 3.74
N VAL B 140 11.91 21.71 2.58
CA VAL B 140 11.87 23.15 2.36
C VAL B 140 10.54 23.56 1.76
N SER B 141 10.03 24.70 2.20
CA SER B 141 8.72 25.20 1.81
C SER B 141 8.79 26.65 1.31
N PHE B 142 8.30 26.87 0.09
CA PHE B 142 8.32 28.19 -0.52
C PHE B 142 6.93 28.81 -0.58
N ARG B 143 6.86 30.12 -0.46
CA ARG B 143 5.63 30.87 -0.71
C ARG B 143 5.94 32.32 -1.11
N TRP B 144 5.19 32.84 -2.08
CA TRP B 144 5.36 34.22 -2.54
C TRP B 144 4.30 35.14 -1.95
N GLU B 145 4.65 36.41 -1.77
CA GLU B 145 3.76 37.41 -1.20
C GLU B 145 3.91 38.74 -1.92
N ALA B 146 2.78 39.38 -2.20
CA ALA B 146 2.79 40.73 -2.70
C ALA B 146 1.67 41.49 -2.01
N LEU B 147 1.83 42.80 -1.87
CA LEU B 147 0.76 43.64 -1.32
C LEU B 147 -0.03 42.95 -0.22
N GLY B 148 0.64 42.19 0.64
CA GLY B 148 -0.03 41.55 1.77
C GLY B 148 -0.78 40.30 1.39
N ASN B 149 -0.77 39.97 0.11
CA ASN B 149 -1.48 38.80 -0.38
C ASN B 149 -0.51 37.69 -0.75
N THR B 150 -0.72 36.49 -0.22
CA THR B 150 0.10 35.35 -0.61
C THR B 150 -0.30 34.82 -1.99
N LEU B 151 0.58 34.93 -2.98
CA LEU B 151 0.22 34.58 -4.37
C LEU B 151 0.63 33.17 -4.80
N SER B 152 1.35 32.45 -3.94
CA SER B 152 1.76 31.09 -4.25
C SER B 152 2.30 30.34 -3.04
N SER B 153 2.32 29.01 -3.15
CA SER B 153 2.88 28.12 -2.15
C SER B 153 3.81 27.11 -2.80
N GLN B 154 4.57 27.57 -3.79
CA GLN B 154 5.67 26.79 -4.35
C GLN B 154 6.74 27.70 -5.00
N PRO B 155 7.86 27.11 -5.41
CA PRO B 155 8.95 27.88 -6.01
C PRO B 155 8.46 28.87 -7.05
N ASN B 156 7.70 28.37 -8.03
CA ASN B 156 7.25 29.17 -9.19
C ASN B 156 6.26 30.27 -8.83
N LEU B 157 6.32 31.37 -9.57
CA LEU B 157 5.36 32.44 -9.45
C LEU B 157 5.12 32.98 -10.83
N THR B 158 3.85 33.00 -11.23
CA THR B 158 3.45 33.70 -12.44
C THR B 158 2.57 34.87 -12.03
N VAL B 159 2.97 36.06 -12.45
CA VAL B 159 2.11 37.22 -12.27
C VAL B 159 2.00 37.92 -13.61
N SER B 160 1.15 38.93 -13.66
CA SER B 160 1.22 39.89 -14.73
C SER B 160 1.03 41.28 -14.16
N TRP B 161 1.58 42.28 -14.85
CA TRP B 161 1.71 43.60 -14.28
C TRP B 161 1.78 44.63 -15.40
N ASP B 162 0.97 45.68 -15.29
CA ASP B 162 0.98 46.77 -16.27
C ASP B 162 1.03 48.09 -15.52
N PRO B 163 2.08 48.88 -15.78
CA PRO B 163 2.33 50.12 -15.04
C PRO B 163 1.15 51.08 -15.08
N ARG B 164 0.25 50.88 -16.04
CA ARG B 164 -0.83 51.82 -16.25
C ARG B 164 -2.02 51.63 -15.31
N ILE B 165 -2.02 50.55 -14.53
CA ILE B 165 -3.21 50.21 -13.75
C ILE B 165 -2.87 49.53 -12.43
N SER B 166 -1.82 48.73 -12.46
CA SER B 166 -1.29 48.11 -11.25
C SER B 166 -0.21 49.02 -10.70
N SER B 167 -0.07 49.03 -9.37
CA SER B 167 0.92 49.89 -8.73
C SER B 167 2.29 49.23 -8.64
N GLU B 168 3.27 49.98 -8.13
CA GLU B 168 4.61 49.45 -7.91
C GLU B 168 4.58 48.56 -6.68
N GLN B 169 5.27 47.42 -6.77
CA GLN B 169 5.26 46.45 -5.69
C GLN B 169 6.42 45.47 -5.82
N ASP B 170 6.66 44.72 -4.74
CA ASP B 170 7.69 43.71 -4.71
C ASP B 170 7.06 42.35 -4.57
N TYR B 171 7.45 41.42 -5.44
CA TYR B 171 7.11 40.03 -5.19
C TYR B 171 8.20 39.44 -4.28
N THR B 172 7.77 38.75 -3.23
CA THR B 172 8.69 38.31 -2.19
C THR B 172 8.61 36.83 -1.96
N CYS B 173 9.68 36.11 -2.29
CA CYS B 173 9.76 34.70 -1.94
C CYS B 173 10.15 34.51 -0.47
N ILE B 174 9.65 33.44 0.14
CA ILE B 174 9.99 33.11 1.51
C ILE B 174 10.24 31.62 1.62
N ALA B 175 11.49 31.22 1.83
CA ALA B 175 11.82 29.81 1.98
C ALA B 175 11.91 29.51 3.45
N GLU B 176 11.44 28.35 3.85
CA GLU B 176 11.60 27.97 5.24
C GLU B 176 11.50 26.48 5.49
N ASN B 177 12.25 26.03 6.49
CA ASN B 177 12.13 24.69 7.02
C ASN B 177 11.85 24.77 8.51
N ALA B 178 11.70 23.63 9.16
CA ALA B 178 11.41 23.61 10.59
C ALA B 178 12.12 24.70 11.40
N VAL B 179 13.43 24.85 11.22
CA VAL B 179 14.24 25.64 12.16
C VAL B 179 14.74 27.01 11.68
N SER B 180 14.45 27.38 10.44
CA SER B 180 14.97 28.64 9.93
C SER B 180 14.20 29.16 8.73
N ASN B 181 14.53 30.37 8.27
CA ASN B 181 13.93 30.92 7.06
C ASN B 181 14.71 32.06 6.38
N LEU B 182 14.46 32.18 5.07
CA LEU B 182 15.02 33.27 4.29
C LEU B 182 13.96 33.90 3.38
N SER B 183 14.31 35.05 2.78
CA SER B 183 13.35 35.84 2.00
C SER B 183 14.04 36.84 1.08
N PHE B 184 13.74 36.71 -0.19
CA PHE B 184 14.29 37.56 -1.24
C PHE B 184 13.12 38.28 -1.91
N SER B 185 13.29 39.54 -2.30
CA SER B 185 12.18 40.23 -2.97
C SER B 185 12.51 41.11 -4.16
N VAL B 186 12.26 40.61 -5.37
CA VAL B 186 12.29 41.39 -6.62
C VAL B 186 11.15 42.40 -6.75
N SER B 187 11.34 43.44 -7.58
CA SER B 187 10.29 44.42 -7.84
C SER B 187 9.80 44.36 -9.28
N ALA B 188 8.47 44.37 -9.41
CA ALA B 188 7.83 44.29 -10.71
C ALA B 188 8.35 45.31 -11.72
N GLN B 189 8.52 46.55 -11.26
CA GLN B 189 8.97 47.64 -12.13
C GLN B 189 10.31 47.27 -12.77
N LYS B 190 11.16 46.62 -11.99
CA LYS B 190 12.48 46.26 -12.47
C LYS B 190 12.36 45.12 -13.48
N LEU B 191 11.74 44.04 -13.04
CA LEU B 191 11.61 42.84 -13.86
C LEU B 191 10.90 43.07 -15.20
N CYS B 192 10.09 44.12 -15.28
CA CYS B 192 9.27 44.37 -16.45
C CYS B 192 9.72 45.65 -17.14
N GLU B 193 10.56 45.51 -18.18
CA GLU B 193 11.05 46.69 -18.89
C GLU B 193 11.50 46.45 -20.32
N THR C 4 -7.46 3.24 -2.97
CA THR C 4 -7.63 3.39 -4.44
C THR C 4 -9.04 3.88 -4.78
N PRO C 5 -9.17 4.64 -5.88
CA PRO C 5 -8.06 4.99 -6.77
C PRO C 5 -7.21 6.12 -6.22
N LEU C 6 -6.36 6.68 -7.06
CA LEU C 6 -5.48 7.78 -6.67
C LEU C 6 -5.43 8.81 -7.80
N MET C 7 -5.38 10.09 -7.44
CA MET C 7 -5.49 11.20 -8.39
C MET C 7 -4.14 11.70 -8.90
N VAL C 8 -4.09 12.07 -10.17
CA VAL C 8 -2.88 12.66 -10.77
C VAL C 8 -3.22 13.67 -11.86
N ASN C 9 -2.44 14.75 -11.93
CA ASN C 9 -2.66 15.78 -12.95
C ASN C 9 -1.52 15.87 -13.95
N GLY C 10 -1.67 16.74 -14.94
CA GLY C 10 -0.65 16.91 -15.96
C GLY C 10 -0.96 17.98 -16.99
N ILE C 11 0.01 18.82 -17.27
CA ILE C 11 -0.12 19.84 -18.32
C ILE C 11 0.16 19.22 -19.68
N LEU C 12 -0.71 19.50 -20.65
CA LEU C 12 -0.51 19.01 -22.02
C LEU C 12 0.80 19.52 -22.59
N GLY C 13 1.40 18.72 -23.48
CA GLY C 13 2.71 19.07 -24.05
C GLY C 13 3.84 18.92 -23.06
N GLU C 14 3.67 17.98 -22.13
CA GLU C 14 4.64 17.75 -21.07
C GLU C 14 4.36 16.40 -20.38
N SER C 15 5.43 15.68 -20.03
CA SER C 15 5.31 14.27 -19.60
C SER C 15 5.00 14.02 -18.12
N VAL C 16 4.66 12.77 -17.81
CA VAL C 16 4.38 12.35 -16.43
C VAL C 16 4.64 10.85 -16.24
N THR C 17 5.08 10.48 -15.04
CA THR C 17 5.45 9.10 -14.75
C THR C 17 4.65 8.54 -13.57
N LEU C 18 4.19 7.29 -13.69
CA LEU C 18 3.35 6.65 -12.67
C LEU C 18 4.09 5.56 -11.90
N PRO C 19 4.11 5.67 -10.57
CA PRO C 19 4.77 4.72 -9.66
C PRO C 19 4.02 3.39 -9.52
N LEU C 20 4.41 2.60 -8.53
CA LEU C 20 3.73 1.35 -8.20
C LEU C 20 4.39 0.65 -7.00
N GLU C 21 3.77 -0.41 -6.51
CA GLU C 21 4.32 -1.16 -5.37
C GLU C 21 5.32 -2.24 -5.80
N PHE C 22 6.37 -2.39 -5.00
CA PHE C 22 7.43 -3.35 -5.30
C PHE C 22 7.29 -4.61 -4.46
N PRO C 23 7.92 -4.65 -3.27
CA PRO C 23 7.93 -5.84 -2.40
C PRO C 23 6.59 -6.56 -2.35
N ALA C 24 5.60 -5.92 -1.74
CA ALA C 24 4.24 -6.48 -1.64
C ALA C 24 4.21 -7.80 -0.86
N GLY C 25 5.38 -8.25 -0.40
CA GLY C 25 5.48 -9.50 0.36
C GLY C 25 5.91 -10.68 -0.49
N GLU C 26 5.03 -11.14 -1.37
CA GLU C 26 5.30 -12.30 -2.21
C GLU C 26 5.85 -11.94 -3.59
N LYS C 27 6.40 -12.94 -4.28
CA LYS C 27 7.07 -12.75 -5.57
C LYS C 27 6.11 -12.50 -6.72
N VAL C 28 6.56 -11.72 -7.70
CA VAL C 28 5.74 -11.35 -8.84
C VAL C 28 6.15 -12.07 -10.12
N ASN C 29 5.15 -12.47 -10.92
CA ASN C 29 5.40 -13.18 -12.17
C ASN C 29 5.34 -12.27 -13.39
N PHE C 30 4.20 -11.62 -13.60
CA PHE C 30 4.04 -10.71 -14.73
C PHE C 30 3.36 -9.43 -14.28
N ILE C 31 3.42 -8.41 -15.13
CA ILE C 31 2.84 -7.11 -14.81
C ILE C 31 2.22 -6.41 -16.02
N THR C 32 0.95 -6.06 -15.90
CA THR C 32 0.21 -5.49 -17.02
C THR C 32 -0.25 -4.06 -16.71
N TRP C 33 -0.05 -3.18 -17.68
CA TRP C 33 -0.52 -1.80 -17.55
C TRP C 33 -1.77 -1.59 -18.39
N LEU C 34 -2.86 -1.21 -17.73
CA LEU C 34 -4.15 -1.07 -18.40
C LEU C 34 -4.58 0.39 -18.50
N PHE C 35 -5.32 0.70 -19.56
CA PHE C 35 -5.85 2.04 -19.78
C PHE C 35 -7.31 1.96 -20.21
N ASN C 36 -8.19 2.32 -19.29
CA ASN C 36 -9.64 2.23 -19.51
C ASN C 36 -10.06 0.81 -19.84
N GLU C 37 -10.47 0.58 -21.09
CA GLU C 37 -10.90 -0.73 -21.51
C GLU C 37 -9.76 -1.55 -22.07
N THR C 38 -8.67 -0.89 -22.44
CA THR C 38 -7.56 -1.55 -23.12
C THR C 38 -6.38 -1.88 -22.20
N SER C 39 -5.38 -2.54 -22.78
CA SER C 39 -4.19 -2.97 -22.06
C SER C 39 -2.95 -2.37 -22.70
N LEU C 40 -2.57 -1.19 -22.24
CA LEU C 40 -1.40 -0.48 -22.74
C LEU C 40 -0.23 -1.41 -22.98
N ALA C 41 0.25 -2.02 -21.89
CA ALA C 41 1.47 -2.81 -21.95
C ALA C 41 1.48 -4.04 -21.05
N PHE C 42 2.24 -5.04 -21.48
CA PHE C 42 2.47 -6.26 -20.74
C PHE C 42 3.97 -6.47 -20.66
N ILE C 43 4.49 -6.60 -19.44
CA ILE C 43 5.93 -6.77 -19.21
C ILE C 43 6.21 -7.88 -18.20
N VAL C 44 7.27 -8.65 -18.45
CA VAL C 44 7.65 -9.71 -17.53
C VAL C 44 9.01 -9.42 -16.90
N PRO C 45 9.06 -9.36 -15.56
CA PRO C 45 10.27 -9.03 -14.81
C PRO C 45 11.43 -9.97 -15.07
N HIS C 46 12.61 -9.41 -15.26
CA HIS C 46 13.84 -10.18 -15.42
C HIS C 46 15.01 -9.38 -14.86
N GLU C 47 15.37 -9.68 -13.61
CA GLU C 47 16.42 -8.94 -12.91
C GLU C 47 17.82 -9.32 -13.39
N THR C 48 18.59 -8.33 -13.83
CA THR C 48 18.09 -6.96 -13.96
C THR C 48 18.16 -6.53 -15.42
N LYS C 49 18.30 -7.52 -16.30
CA LYS C 49 18.31 -7.29 -17.75
C LYS C 49 16.90 -6.98 -18.24
N SER C 50 16.16 -6.21 -17.43
CA SER C 50 14.76 -5.94 -17.72
C SER C 50 14.57 -5.10 -18.98
N PRO C 51 13.37 -5.20 -19.58
CA PRO C 51 12.40 -6.22 -19.23
C PRO C 51 12.23 -7.25 -20.34
N GLU C 52 11.04 -7.82 -20.43
CA GLU C 52 10.55 -8.46 -21.64
C GLU C 52 9.22 -7.81 -21.96
N ILE C 53 9.27 -6.67 -22.64
CA ILE C 53 8.11 -5.81 -22.81
C ILE C 53 7.44 -5.91 -24.17
N HIS C 54 6.10 -5.83 -24.15
CA HIS C 54 5.29 -5.91 -25.35
C HIS C 54 4.12 -4.94 -25.23
N VAL C 55 4.13 -3.91 -26.06
CA VAL C 55 3.08 -2.91 -26.04
C VAL C 55 1.81 -3.50 -26.59
N THR C 56 0.79 -3.56 -25.75
CA THR C 56 -0.48 -4.17 -26.12
C THR C 56 -1.40 -3.15 -26.79
N ASN C 57 -0.99 -1.88 -26.75
CA ASN C 57 -1.72 -0.84 -27.45
C ASN C 57 -0.80 0.00 -28.32
N PRO C 58 -0.47 -0.51 -29.51
CA PRO C 58 0.42 0.17 -30.45
C PRO C 58 0.29 1.69 -30.39
N LYS C 59 -0.94 2.19 -30.55
CA LYS C 59 -1.19 3.63 -30.55
C LYS C 59 -0.34 4.35 -29.50
N GLN C 60 0.27 5.47 -29.91
CA GLN C 60 1.21 6.21 -29.06
C GLN C 60 2.66 5.85 -29.40
N GLY C 61 3.07 4.66 -28.97
CA GLY C 61 4.41 4.16 -29.28
C GLY C 61 5.50 4.83 -28.46
N LYS C 62 6.56 5.28 -29.13
CA LYS C 62 7.70 5.93 -28.47
C LYS C 62 7.28 7.20 -27.72
N ARG C 63 5.98 7.41 -27.60
CA ARG C 63 5.43 8.53 -26.83
C ARG C 63 5.27 8.09 -25.38
N LEU C 64 5.21 6.78 -25.17
CA LEU C 64 5.19 6.21 -23.84
C LEU C 64 6.35 5.23 -23.67
N ASN C 65 6.98 5.26 -22.51
CA ASN C 65 8.06 4.34 -22.20
C ASN C 65 7.92 3.85 -20.76
N PHE C 66 8.86 3.02 -20.32
CA PHE C 66 8.85 2.53 -18.94
C PHE C 66 10.22 2.62 -18.28
N THR C 67 10.25 3.09 -17.04
CA THR C 67 11.48 3.16 -16.27
C THR C 67 11.96 1.76 -15.91
N GLN C 68 12.98 1.68 -15.07
CA GLN C 68 13.51 0.39 -14.64
C GLN C 68 12.68 -0.19 -13.49
N SER C 69 12.03 0.69 -12.74
CA SER C 69 11.11 0.27 -11.69
C SER C 69 9.82 -0.27 -12.30
N TYR C 70 9.82 -0.38 -13.63
CA TYR C 70 8.68 -0.90 -14.38
C TYR C 70 7.54 0.11 -14.43
N SER C 71 7.72 1.24 -13.76
CA SER C 71 6.68 2.27 -13.71
C SER C 71 6.39 2.86 -15.09
N LEU C 72 5.21 3.47 -15.24
CA LEU C 72 4.76 3.99 -16.52
C LEU C 72 5.18 5.43 -16.76
N GLN C 73 5.77 5.68 -17.92
CA GLN C 73 6.25 7.02 -18.28
C GLN C 73 5.66 7.47 -19.61
N LEU C 74 5.29 8.75 -19.69
CA LEU C 74 4.66 9.32 -20.88
C LEU C 74 5.45 10.52 -21.41
N SER C 75 5.02 11.07 -22.55
CA SER C 75 5.69 12.22 -23.15
C SER C 75 4.80 13.46 -23.27
N ASN C 76 4.83 14.11 -24.43
CA ASN C 76 4.16 15.40 -24.64
C ASN C 76 2.71 15.46 -24.15
N LEU C 77 2.06 14.31 -24.07
CA LEU C 77 0.68 14.21 -23.57
C LEU C 77 -0.36 14.88 -24.46
N LYS C 78 -0.86 14.14 -25.44
CA LYS C 78 -1.99 14.61 -26.25
C LYS C 78 -3.27 14.55 -25.41
N MET C 79 -4.05 15.62 -25.47
CA MET C 79 -5.22 15.80 -24.59
C MET C 79 -6.14 14.58 -24.49
N GLU C 80 -6.02 13.66 -25.44
CA GLU C 80 -6.89 12.47 -25.53
C GLU C 80 -6.54 11.42 -24.48
N ASP C 81 -5.65 11.76 -23.55
CA ASP C 81 -5.13 10.77 -22.60
C ASP C 81 -5.80 10.81 -21.23
N THR C 82 -6.72 11.74 -21.04
CA THR C 82 -7.52 11.76 -19.82
C THR C 82 -8.17 10.39 -19.67
N GLY C 83 -8.01 9.78 -18.50
CA GLY C 83 -8.62 8.48 -18.26
C GLY C 83 -8.09 7.70 -17.06
N SER C 84 -8.47 6.44 -16.99
CA SER C 84 -8.06 5.56 -15.90
C SER C 84 -6.86 4.69 -16.27
N TYR C 85 -5.78 4.83 -15.51
CA TYR C 85 -4.61 3.97 -15.66
C TYR C 85 -4.50 3.12 -14.40
N ARG C 86 -4.09 1.87 -14.56
CA ARG C 86 -3.85 1.01 -13.40
C ARG C 86 -2.82 -0.08 -13.66
N ALA C 87 -2.10 -0.47 -12.62
CA ALA C 87 -1.04 -1.47 -12.73
C ALA C 87 -1.44 -2.77 -12.07
N GLN C 88 -1.27 -3.88 -12.77
CA GLN C 88 -1.69 -5.16 -12.23
C GLN C 88 -0.53 -6.10 -11.96
N ILE C 89 -0.16 -6.22 -10.68
CA ILE C 89 0.89 -7.13 -10.26
C ILE C 89 0.30 -8.53 -10.05
N SER C 90 0.82 -9.48 -10.82
CA SER C 90 0.25 -10.83 -10.86
C SER C 90 1.21 -11.86 -10.29
N THR C 91 1.02 -12.18 -9.01
CA THR C 91 1.81 -13.24 -8.39
C THR C 91 1.28 -14.59 -8.85
N LYS C 92 1.19 -15.55 -7.93
CA LYS C 92 0.58 -16.85 -8.25
C LYS C 92 -0.75 -17.02 -7.52
N THR C 93 -1.10 -16.01 -6.72
CA THR C 93 -2.34 -16.03 -5.95
C THR C 93 -2.89 -14.61 -5.75
N SER C 94 -2.42 -13.66 -6.55
CA SER C 94 -2.79 -12.27 -6.37
C SER C 94 -2.93 -11.51 -7.69
N ALA C 95 -3.57 -10.34 -7.60
CA ALA C 95 -3.69 -9.42 -8.73
C ALA C 95 -3.93 -8.00 -8.23
N LYS C 96 -3.17 -7.59 -7.22
CA LYS C 96 -3.34 -6.27 -6.62
C LYS C 96 -3.40 -5.18 -7.68
N LEU C 97 -4.36 -4.28 -7.54
CA LEU C 97 -4.50 -3.17 -8.48
C LEU C 97 -4.13 -1.82 -7.86
N SER C 98 -3.30 -1.07 -8.57
CA SER C 98 -3.00 0.32 -8.21
C SER C 98 -3.69 1.24 -9.20
N SER C 99 -4.72 1.93 -8.74
CA SER C 99 -5.60 2.69 -9.63
C SER C 99 -5.28 4.18 -9.70
N TYR C 100 -5.00 4.66 -10.91
CA TYR C 100 -4.68 6.06 -11.15
C TYR C 100 -5.67 6.69 -12.12
N THR C 101 -6.29 7.80 -11.70
CA THR C 101 -7.19 8.53 -12.59
C THR C 101 -6.55 9.86 -12.99
N LEU C 102 -6.12 9.95 -14.24
CA LEU C 102 -5.35 11.11 -14.71
C LEU C 102 -6.15 12.09 -15.55
N ARG C 103 -6.33 13.30 -15.03
CA ARG C 103 -6.93 14.40 -15.77
C ARG C 103 -5.83 15.23 -16.42
N ILE C 104 -6.08 15.68 -17.64
CA ILE C 104 -5.13 16.55 -18.34
C ILE C 104 -5.72 17.94 -18.53
N LEU C 105 -5.05 18.93 -17.97
CA LEU C 105 -5.52 20.31 -18.04
C LEU C 105 -4.59 21.22 -18.85
N ARG C 106 -5.17 22.27 -19.41
CA ARG C 106 -4.42 23.25 -20.16
C ARG C 106 -3.73 24.24 -19.22
N GLN C 107 -2.55 24.69 -19.62
CA GLN C 107 -1.80 25.69 -18.87
C GLN C 107 -2.51 27.05 -18.94
N LEU C 108 -2.45 27.81 -17.85
CA LEU C 108 -3.13 29.10 -17.81
C LEU C 108 -2.53 30.12 -18.79
N ARG C 109 -3.16 31.28 -18.91
CA ARG C 109 -2.70 32.29 -19.85
C ARG C 109 -3.49 33.59 -19.82
N ASN C 110 -2.78 34.69 -19.98
CA ASN C 110 -3.38 35.99 -20.22
C ASN C 110 -4.43 36.40 -19.21
N ILE C 111 -4.08 36.36 -17.94
CA ILE C 111 -4.90 36.94 -16.90
C ILE C 111 -5.19 38.39 -17.28
N GLN C 112 -6.46 38.78 -17.26
CA GLN C 112 -6.87 40.13 -17.64
C GLN C 112 -7.92 40.67 -16.68
N VAL C 113 -7.90 41.98 -16.44
CA VAL C 113 -8.94 42.61 -15.63
C VAL C 113 -9.40 43.93 -16.26
N THR C 114 -10.70 44.22 -16.12
CA THR C 114 -11.29 45.40 -16.75
C THR C 114 -12.08 46.28 -15.78
N ASN C 115 -12.04 47.59 -16.03
CA ASN C 115 -12.52 48.62 -15.09
C ASN C 115 -13.91 49.19 -15.42
N HIS C 116 -14.64 49.60 -14.38
CA HIS C 116 -15.99 50.14 -14.55
C HIS C 116 -16.28 51.35 -13.66
N SER C 117 -16.80 52.41 -14.28
CA SER C 117 -17.23 53.65 -13.62
C SER C 117 -16.38 54.85 -14.03
N ASN C 122 -15.36 59.87 -8.53
CA ASN C 122 -15.36 61.17 -7.87
C ASN C 122 -14.86 61.11 -6.42
N MET C 123 -15.70 61.56 -5.49
CA MET C 123 -15.37 61.56 -4.06
C MET C 123 -15.27 60.14 -3.49
N THR C 124 -16.37 59.40 -3.59
CA THR C 124 -16.40 57.99 -3.21
C THR C 124 -16.16 57.15 -4.45
N CYS C 125 -16.09 55.83 -4.27
CA CYS C 125 -15.75 54.92 -5.37
C CYS C 125 -16.01 53.49 -4.94
N GLU C 126 -16.96 52.78 -5.56
CA GLU C 126 -17.63 53.18 -6.80
C GLU C 126 -16.99 52.33 -7.89
N LEU C 127 -16.57 51.13 -7.53
CA LEU C 127 -15.63 50.36 -8.34
C LEU C 127 -16.02 48.88 -8.57
N HIS C 128 -16.14 48.51 -9.83
CA HIS C 128 -16.48 47.14 -10.22
C HIS C 128 -15.46 46.61 -11.22
N LEU C 129 -15.14 45.32 -11.14
CA LEU C 129 -14.06 44.74 -11.94
C LEU C 129 -14.28 43.30 -12.37
N THR C 130 -13.83 42.99 -13.58
CA THR C 130 -13.98 41.66 -14.16
C THR C 130 -12.62 41.08 -14.53
N CYS C 131 -12.42 39.81 -14.21
CA CYS C 131 -11.13 39.15 -14.38
C CYS C 131 -11.22 37.89 -15.22
N SER C 132 -10.56 37.90 -16.38
CA SER C 132 -10.63 36.76 -17.31
C SER C 132 -9.28 36.04 -17.45
N VAL C 133 -9.35 34.82 -17.97
CA VAL C 133 -8.16 34.02 -18.25
C VAL C 133 -8.13 33.71 -19.75
N GLU C 134 -7.61 32.54 -20.10
CA GLU C 134 -7.71 32.06 -21.47
C GLU C 134 -8.63 30.85 -21.52
N ASP C 135 -8.11 29.71 -21.09
CA ASP C 135 -8.86 28.46 -21.16
C ASP C 135 -9.86 28.32 -20.01
N ALA C 136 -10.86 29.20 -20.03
CA ALA C 136 -11.96 29.13 -19.07
C ALA C 136 -12.60 27.75 -19.12
N ASP C 137 -11.85 26.75 -18.67
CA ASP C 137 -12.34 25.38 -18.61
C ASP C 137 -13.06 25.16 -17.29
N ASP C 138 -14.09 24.32 -17.32
CA ASP C 138 -14.86 23.97 -16.12
C ASP C 138 -13.95 23.93 -14.90
N ASN C 139 -12.69 23.54 -15.12
CA ASN C 139 -11.71 23.33 -14.05
C ASN C 139 -11.01 24.59 -13.56
N VAL C 140 -11.73 25.70 -13.48
CA VAL C 140 -11.13 26.97 -13.08
C VAL C 140 -11.68 27.49 -11.75
N SER C 141 -10.91 28.39 -11.12
CA SER C 141 -11.32 29.02 -9.88
C SER C 141 -10.82 30.46 -9.81
N PHE C 142 -11.64 31.35 -9.27
CA PHE C 142 -11.29 32.76 -9.16
C PHE C 142 -11.30 33.25 -7.71
N ARG C 143 -10.38 34.15 -7.38
CA ARG C 143 -10.29 34.75 -6.06
C ARG C 143 -9.90 36.22 -6.18
N TRP C 144 -10.61 37.09 -5.46
CA TRP C 144 -10.20 38.49 -5.37
C TRP C 144 -9.73 38.81 -3.96
N GLU C 145 -8.42 39.07 -3.80
CA GLU C 145 -7.82 39.32 -2.49
C GLU C 145 -7.35 40.76 -2.31
N ALA C 146 -7.35 41.20 -1.07
CA ALA C 146 -6.75 42.46 -0.68
C ALA C 146 -6.29 42.34 0.77
N LEU C 147 -4.98 42.48 0.98
CA LEU C 147 -4.37 42.28 2.29
C LEU C 147 -4.68 40.90 2.87
N GLY C 148 -4.36 39.87 2.08
CA GLY C 148 -4.51 38.49 2.52
C GLY C 148 -5.92 38.17 2.99
N ASN C 149 -6.85 39.07 2.66
CA ASN C 149 -8.27 38.83 2.88
C ASN C 149 -8.91 38.40 1.55
N THR C 150 -9.85 37.47 1.64
CA THR C 150 -10.56 36.99 0.46
C THR C 150 -11.87 37.75 0.30
N LEU C 151 -12.03 38.43 -0.83
CA LEU C 151 -13.23 39.23 -1.08
C LEU C 151 -14.24 38.50 -1.96
N SER C 152 -14.02 38.51 -3.27
CA SER C 152 -14.85 37.74 -4.19
C SER C 152 -14.36 36.29 -4.25
N SER C 153 -15.16 35.43 -4.89
CA SER C 153 -14.72 34.08 -5.20
C SER C 153 -15.08 33.81 -6.65
N GLN C 154 -15.32 34.90 -7.38
CA GLN C 154 -15.79 34.85 -8.75
C GLN C 154 -15.16 35.97 -9.59
N PRO C 155 -15.04 35.74 -10.91
CA PRO C 155 -14.39 36.68 -11.84
C PRO C 155 -14.78 38.13 -11.59
N ASN C 156 -15.89 38.33 -10.90
CA ASN C 156 -16.43 39.66 -10.73
C ASN C 156 -16.20 40.20 -9.34
N LEU C 157 -16.00 41.51 -9.27
CA LEU C 157 -15.81 42.18 -8.00
C LEU C 157 -16.43 43.57 -8.01
N THR C 158 -17.21 43.86 -6.97
CA THR C 158 -17.71 45.21 -6.75
C THR C 158 -17.23 45.68 -5.38
N VAL C 159 -16.57 46.84 -5.34
CA VAL C 159 -15.98 47.32 -4.09
C VAL C 159 -15.96 48.84 -3.98
N SER C 160 -16.08 49.33 -2.76
CA SER C 160 -16.11 50.75 -2.47
C SER C 160 -14.78 51.17 -1.83
N TRP C 161 -14.20 52.25 -2.36
CA TRP C 161 -12.86 52.67 -1.93
C TRP C 161 -12.78 54.16 -1.61
N ASP C 162 -12.47 54.46 -0.35
CA ASP C 162 -12.33 55.84 0.10
C ASP C 162 -10.86 56.13 0.46
N PRO C 163 -10.24 57.07 -0.26
CA PRO C 163 -8.82 57.39 -0.04
C PRO C 163 -8.50 57.78 1.41
N ARG C 164 -9.52 58.20 2.16
CA ARG C 164 -9.30 58.68 3.52
C ARG C 164 -9.55 57.61 4.56
N ILE C 165 -10.08 56.45 4.14
CA ILE C 165 -10.50 55.45 5.12
C ILE C 165 -10.36 54.00 4.66
N SER C 166 -10.58 53.72 3.39
CA SER C 166 -10.51 52.33 2.90
C SER C 166 -9.14 51.75 3.20
N SER C 167 -9.14 50.52 3.69
CA SER C 167 -7.94 49.91 4.29
C SER C 167 -6.66 49.97 3.44
N GLU C 168 -6.81 49.82 2.12
CA GLU C 168 -5.64 49.73 1.26
C GLU C 168 -5.89 50.31 -0.12
N GLN C 169 -5.14 49.85 -1.12
CA GLN C 169 -5.26 50.42 -2.47
C GLN C 169 -4.92 49.48 -3.61
N ASP C 170 -5.10 48.19 -3.40
CA ASP C 170 -4.86 47.21 -4.46
C ASP C 170 -5.81 46.06 -4.33
N TYR C 171 -6.36 45.62 -5.45
CA TYR C 171 -7.21 44.44 -5.48
C TYR C 171 -6.55 43.46 -6.44
N THR C 172 -6.41 42.22 -6.01
CA THR C 172 -5.67 41.24 -6.78
C THR C 172 -6.55 40.07 -7.15
N CYS C 173 -6.51 39.72 -8.42
CA CYS C 173 -7.25 38.56 -8.91
C CYS C 173 -6.29 37.38 -8.99
N ILE C 174 -6.77 36.20 -8.61
CA ILE C 174 -5.95 34.99 -8.65
C ILE C 174 -6.72 33.85 -9.29
N ALA C 175 -6.24 33.41 -10.46
CA ALA C 175 -6.98 32.45 -11.28
C ALA C 175 -6.43 31.02 -11.19
N GLU C 176 -6.51 30.44 -10.00
CA GLU C 176 -5.98 29.11 -9.75
C GLU C 176 -6.72 28.00 -10.49
N ASN C 177 -5.97 26.98 -10.91
CA ASN C 177 -6.52 25.72 -11.37
C ASN C 177 -5.67 24.57 -10.85
N ALA C 178 -5.88 23.37 -11.37
CA ALA C 178 -5.20 22.17 -10.86
C ALA C 178 -3.68 22.20 -11.01
N VAL C 179 -3.19 22.80 -12.08
CA VAL C 179 -1.78 22.74 -12.41
C VAL C 179 -1.09 24.11 -12.43
N SER C 180 -1.72 25.11 -11.81
CA SER C 180 -1.16 26.45 -11.86
C SER C 180 -2.11 27.52 -11.33
N ASN C 181 -1.57 28.72 -11.13
CA ASN C 181 -2.40 29.91 -10.97
C ASN C 181 -1.73 31.14 -11.56
N LEU C 182 -2.47 32.24 -11.68
CA LEU C 182 -1.93 33.50 -12.19
C LEU C 182 -2.40 34.66 -11.30
N SER C 183 -1.81 35.82 -11.50
CA SER C 183 -2.18 36.97 -10.70
C SER C 183 -2.23 38.20 -11.54
N PHE C 184 -3.06 39.15 -11.11
CA PHE C 184 -3.04 40.48 -11.64
C PHE C 184 -3.53 41.34 -10.49
N SER C 185 -2.87 42.47 -10.28
CA SER C 185 -3.27 43.36 -9.21
C SER C 185 -3.43 44.73 -9.81
N VAL C 186 -4.32 45.53 -9.22
CA VAL C 186 -4.62 46.84 -9.80
C VAL C 186 -4.77 47.92 -8.75
N SER C 187 -4.21 49.08 -9.04
CA SER C 187 -4.16 50.16 -8.08
C SER C 187 -5.48 50.90 -8.01
N ALA C 188 -6.14 50.83 -6.86
CA ALA C 188 -7.37 51.60 -6.65
C ALA C 188 -7.13 53.04 -7.04
N GLN C 189 -6.25 53.70 -6.30
CA GLN C 189 -5.90 55.09 -6.54
C GLN C 189 -5.57 55.37 -8.00
N LYS C 190 -5.57 54.33 -8.83
CA LYS C 190 -5.29 54.48 -10.25
C LYS C 190 -6.54 54.33 -11.10
N LEU C 191 -7.53 53.61 -10.60
CA LEU C 191 -8.80 53.45 -11.32
C LEU C 191 -9.84 54.48 -10.87
N CYS C 192 -10.12 54.51 -9.58
CA CYS C 192 -10.77 55.68 -9.01
C CYS C 192 -9.78 56.83 -9.24
N GLU C 193 -9.54 57.13 -10.53
CA GLU C 193 -8.52 58.09 -10.95
C GLU C 193 -8.64 59.43 -10.23
N SER D 2 -20.02 -7.24 -31.45
CA SER D 2 -19.59 -6.52 -32.69
C SER D 2 -19.31 -5.05 -32.39
N LEU D 3 -20.36 -4.23 -32.40
CA LEU D 3 -20.24 -2.82 -32.04
C LEU D 3 -20.43 -2.62 -30.55
N THR D 4 -21.52 -3.18 -30.01
CA THR D 4 -21.81 -3.12 -28.58
C THR D 4 -21.43 -4.44 -27.94
N PRO D 5 -21.06 -4.41 -26.66
CA PRO D 5 -20.80 -5.66 -25.96
C PRO D 5 -21.93 -6.66 -26.25
N LEU D 6 -21.58 -7.76 -26.90
CA LEU D 6 -22.54 -8.82 -27.19
C LEU D 6 -23.00 -9.45 -25.89
N MET D 7 -24.21 -9.14 -25.47
CA MET D 7 -24.73 -9.62 -24.19
C MET D 7 -24.96 -11.13 -24.23
N VAL D 8 -24.50 -11.84 -23.20
CA VAL D 8 -24.68 -13.29 -23.16
C VAL D 8 -25.05 -13.83 -21.78
N ASN D 9 -25.80 -14.93 -21.77
CA ASN D 9 -26.31 -15.50 -20.54
C ASN D 9 -25.62 -16.81 -20.26
N GLY D 10 -25.08 -16.95 -19.06
CA GLY D 10 -24.47 -18.21 -18.68
C GLY D 10 -25.18 -18.83 -17.50
N ILE D 11 -25.35 -20.14 -17.54
CA ILE D 11 -25.97 -20.86 -16.45
C ILE D 11 -24.99 -21.16 -15.30
N LEU D 12 -25.24 -20.56 -14.14
CA LEU D 12 -24.49 -20.87 -12.94
C LEU D 12 -24.25 -22.37 -12.87
N GLY D 13 -22.99 -22.77 -12.79
CA GLY D 13 -22.66 -24.19 -12.70
C GLY D 13 -22.18 -24.74 -14.01
N GLU D 14 -22.73 -24.26 -15.12
CA GLU D 14 -22.28 -24.71 -16.43
C GLU D 14 -21.15 -23.83 -16.97
N SER D 15 -20.95 -23.85 -18.29
CA SER D 15 -19.81 -23.14 -18.87
C SER D 15 -20.16 -22.35 -20.14
N VAL D 16 -19.29 -21.40 -20.47
CA VAL D 16 -19.45 -20.63 -21.69
C VAL D 16 -18.15 -20.51 -22.47
N THR D 17 -18.25 -20.55 -23.80
CA THR D 17 -17.12 -20.22 -24.65
C THR D 17 -17.42 -18.90 -25.33
N LEU D 18 -16.43 -18.02 -25.35
CA LEU D 18 -16.58 -16.72 -26.01
C LEU D 18 -15.49 -16.55 -27.07
N PRO D 19 -15.90 -16.56 -28.35
CA PRO D 19 -14.97 -16.55 -29.48
C PRO D 19 -14.56 -15.15 -29.91
N LEU D 20 -13.72 -15.07 -30.95
CA LEU D 20 -13.23 -13.80 -31.47
C LEU D 20 -13.32 -13.75 -32.99
N GLU D 21 -13.31 -12.55 -33.53
CA GLU D 21 -13.14 -12.34 -34.97
C GLU D 21 -11.65 -12.12 -35.24
N PHE D 22 -11.19 -12.49 -36.43
CA PHE D 22 -9.74 -12.69 -36.62
C PHE D 22 -8.93 -11.52 -37.19
N PRO D 23 -9.12 -11.15 -38.48
CA PRO D 23 -9.95 -11.73 -39.51
C PRO D 23 -9.14 -12.62 -40.45
N ALA D 24 -8.22 -12.01 -41.20
CA ALA D 24 -7.35 -12.73 -42.13
C ALA D 24 -6.58 -11.76 -43.03
N GLY D 25 -6.93 -10.49 -42.96
CA GLY D 25 -6.31 -9.46 -43.79
C GLY D 25 -4.92 -9.09 -43.33
N GLU D 26 -4.82 -8.63 -42.08
CA GLU D 26 -3.53 -8.37 -41.45
C GLU D 26 -3.32 -9.36 -40.31
N LYS D 27 -2.06 -9.68 -40.04
CA LYS D 27 -1.71 -10.56 -38.94
C LYS D 27 -1.53 -9.77 -37.66
N VAL D 28 -2.28 -10.15 -36.63
CA VAL D 28 -2.20 -9.48 -35.34
C VAL D 28 -1.00 -10.01 -34.55
N ASN D 29 -0.42 -9.16 -33.72
CA ASN D 29 0.73 -9.54 -32.91
C ASN D 29 0.33 -10.46 -31.77
N PHE D 30 -0.28 -9.89 -30.74
CA PHE D 30 -0.73 -10.67 -29.58
C PHE D 30 -2.13 -10.26 -29.12
N ILE D 31 -2.68 -11.05 -28.20
CA ILE D 31 -4.04 -10.83 -27.73
C ILE D 31 -4.17 -11.06 -26.24
N THR D 32 -5.02 -10.27 -25.60
CA THR D 32 -5.21 -10.36 -24.16
C THR D 32 -6.69 -10.33 -23.83
N TRP D 33 -7.11 -11.29 -23.01
CA TRP D 33 -8.47 -11.34 -22.53
C TRP D 33 -8.61 -10.56 -21.22
N LEU D 34 -9.54 -9.63 -21.18
CA LEU D 34 -9.76 -8.80 -20.01
C LEU D 34 -11.09 -9.13 -19.32
N PHE D 35 -11.07 -9.16 -18.00
CA PHE D 35 -12.29 -9.29 -17.21
C PHE D 35 -12.43 -8.14 -16.23
N ASN D 36 -13.32 -7.21 -16.55
CA ASN D 36 -13.93 -6.36 -15.54
C ASN D 36 -12.95 -5.46 -14.77
N GLU D 37 -12.15 -4.68 -15.49
CA GLU D 37 -11.18 -3.79 -14.83
C GLU D 37 -9.82 -4.43 -14.59
N THR D 38 -9.67 -5.68 -15.03
CA THR D 38 -8.43 -6.42 -14.81
C THR D 38 -8.08 -7.26 -16.04
N SER D 39 -6.82 -7.66 -16.13
CA SER D 39 -6.40 -8.57 -17.19
C SER D 39 -6.57 -10.00 -16.74
N LEU D 40 -7.23 -10.79 -17.57
CA LEU D 40 -7.45 -12.19 -17.28
C LEU D 40 -6.23 -13.03 -17.69
N ALA D 41 -5.79 -12.88 -18.93
CA ALA D 41 -4.62 -13.58 -19.41
C ALA D 41 -3.96 -12.89 -20.59
N PHE D 42 -2.70 -13.21 -20.80
CA PHE D 42 -1.97 -12.75 -21.97
C PHE D 42 -1.60 -13.97 -22.77
N ILE D 43 -1.89 -13.93 -24.07
CA ILE D 43 -1.58 -15.06 -24.92
C ILE D 43 -0.68 -14.68 -26.09
N VAL D 44 0.44 -15.38 -26.22
CA VAL D 44 1.31 -15.26 -27.36
C VAL D 44 0.85 -16.30 -28.38
N PRO D 45 0.29 -15.83 -29.51
CA PRO D 45 -0.35 -16.70 -30.49
C PRO D 45 0.66 -17.39 -31.41
N HIS D 46 0.52 -18.70 -31.58
CA HIS D 46 1.39 -19.45 -32.46
C HIS D 46 0.65 -20.51 -33.28
N GLU D 47 1.03 -20.62 -34.55
CA GLU D 47 0.40 -21.53 -35.49
C GLU D 47 1.24 -22.78 -35.69
N THR D 48 2.56 -22.62 -35.67
CA THR D 48 3.49 -23.71 -35.93
C THR D 48 3.86 -24.47 -34.65
N LYS D 49 3.38 -23.98 -33.51
CA LYS D 49 3.65 -24.60 -32.22
C LYS D 49 2.59 -24.17 -31.21
N SER D 50 2.33 -25.01 -30.21
CA SER D 50 1.35 -24.69 -29.19
C SER D 50 1.51 -23.24 -28.74
N PRO D 51 0.39 -22.51 -28.62
CA PRO D 51 0.44 -21.10 -28.21
C PRO D 51 0.90 -20.93 -26.75
N GLU D 52 1.48 -19.78 -26.44
CA GLU D 52 1.93 -19.49 -25.09
C GLU D 52 0.93 -18.58 -24.35
N ILE D 53 0.39 -19.08 -23.24
CA ILE D 53 -0.47 -18.28 -22.38
C ILE D 53 0.12 -18.16 -20.98
N HIS D 54 -0.02 -16.99 -20.38
CA HIS D 54 0.36 -16.78 -19.00
C HIS D 54 -0.79 -16.09 -18.29
N VAL D 55 -1.53 -16.86 -17.50
CA VAL D 55 -2.70 -16.34 -16.80
C VAL D 55 -2.30 -15.14 -15.97
N THR D 56 -2.82 -13.96 -16.34
CA THR D 56 -2.48 -12.74 -15.65
C THR D 56 -3.32 -12.54 -14.40
N ASN D 57 -4.33 -13.38 -14.25
CA ASN D 57 -5.17 -13.35 -13.05
C ASN D 57 -5.63 -14.74 -12.63
N PRO D 58 -4.96 -15.31 -11.61
CA PRO D 58 -5.24 -16.65 -11.11
C PRO D 58 -6.70 -16.84 -10.70
N LYS D 59 -7.15 -16.11 -9.68
CA LYS D 59 -8.50 -16.23 -9.13
C LYS D 59 -9.30 -17.42 -9.63
N GLN D 60 -9.76 -17.36 -10.88
CA GLN D 60 -10.53 -18.45 -11.46
C GLN D 60 -9.81 -19.79 -11.36
N GLY D 61 -8.50 -19.77 -11.60
CA GLY D 61 -7.66 -20.95 -11.48
C GLY D 61 -7.92 -21.99 -12.54
N LYS D 62 -8.19 -23.21 -12.09
CA LYS D 62 -8.37 -24.37 -12.95
C LYS D 62 -9.62 -24.25 -13.84
N ARG D 63 -10.47 -23.27 -13.55
CA ARG D 63 -11.76 -23.13 -14.23
C ARG D 63 -11.70 -22.50 -15.64
N LEU D 64 -10.61 -21.78 -15.92
CA LEU D 64 -10.49 -21.05 -17.18
C LEU D 64 -9.60 -21.77 -18.21
N ASN D 65 -10.01 -21.73 -19.48
CA ASN D 65 -9.26 -22.36 -20.57
C ASN D 65 -9.52 -21.66 -21.89
N PHE D 66 -8.77 -22.04 -22.92
CA PHE D 66 -8.89 -21.39 -24.22
C PHE D 66 -8.96 -22.39 -25.37
N THR D 67 -9.74 -22.05 -26.39
CA THR D 67 -9.98 -22.96 -27.51
C THR D 67 -8.88 -22.88 -28.55
N GLN D 68 -9.03 -23.63 -29.63
CA GLN D 68 -8.06 -23.63 -30.71
C GLN D 68 -7.92 -22.23 -31.31
N SER D 69 -9.05 -21.60 -31.59
CA SER D 69 -9.07 -20.22 -32.09
C SER D 69 -9.08 -19.23 -30.93
N TYR D 70 -8.52 -19.66 -29.80
CA TYR D 70 -8.27 -18.77 -28.66
C TYR D 70 -9.54 -18.14 -28.07
N SER D 71 -10.67 -18.81 -28.26
CA SER D 71 -11.89 -18.36 -27.64
C SER D 71 -11.79 -18.61 -26.14
N LEU D 72 -12.18 -17.62 -25.35
CA LEU D 72 -12.19 -17.76 -23.89
C LEU D 72 -13.29 -18.71 -23.45
N GLN D 73 -12.88 -19.81 -22.81
CA GLN D 73 -13.81 -20.83 -22.36
C GLN D 73 -13.78 -20.96 -20.83
N LEU D 74 -14.74 -20.32 -20.18
CA LEU D 74 -14.90 -20.39 -18.73
C LEU D 74 -15.85 -21.54 -18.40
N SER D 75 -15.56 -22.28 -17.33
CA SER D 75 -16.43 -23.38 -16.92
C SER D 75 -16.79 -23.32 -15.43
N ASN D 76 -17.71 -24.19 -15.02
CA ASN D 76 -18.31 -24.14 -13.69
C ASN D 76 -18.55 -22.70 -13.20
N LEU D 77 -19.43 -22.00 -13.91
CA LEU D 77 -19.68 -20.59 -13.66
C LEU D 77 -20.12 -20.30 -12.23
N LYS D 78 -19.53 -19.28 -11.64
CA LYS D 78 -19.89 -18.85 -10.31
C LYS D 78 -20.54 -17.48 -10.49
N MET D 79 -21.38 -17.09 -9.55
CA MET D 79 -22.05 -15.80 -9.66
C MET D 79 -21.08 -14.67 -9.91
N GLU D 80 -19.87 -14.81 -9.36
CA GLU D 80 -18.86 -13.75 -9.41
C GLU D 80 -18.19 -13.63 -10.78
N ASP D 81 -18.58 -14.47 -11.73
CA ASP D 81 -18.09 -14.35 -13.10
C ASP D 81 -18.89 -13.32 -13.89
N THR D 82 -19.92 -12.79 -13.27
CA THR D 82 -20.69 -11.72 -13.85
C THR D 82 -19.74 -10.58 -14.14
N GLY D 83 -20.03 -9.83 -15.19
CA GLY D 83 -19.25 -8.64 -15.49
C GLY D 83 -18.80 -8.57 -16.94
N SER D 84 -18.01 -7.55 -17.24
CA SER D 84 -17.58 -7.31 -18.60
C SER D 84 -16.35 -8.13 -18.97
N TYR D 85 -16.41 -8.74 -20.15
CA TYR D 85 -15.31 -9.52 -20.71
C TYR D 85 -14.95 -8.98 -22.09
N ARG D 86 -13.74 -8.47 -22.25
CA ARG D 86 -13.36 -7.92 -23.55
C ARG D 86 -12.05 -8.53 -24.07
N ALA D 87 -11.93 -8.62 -25.39
CA ALA D 87 -10.77 -9.24 -26.02
C ALA D 87 -10.02 -8.25 -26.92
N GLN D 88 -8.77 -7.97 -26.56
CA GLN D 88 -7.96 -6.96 -27.24
C GLN D 88 -7.09 -7.57 -28.34
N ILE D 89 -7.33 -7.13 -29.56
CA ILE D 89 -6.60 -7.61 -30.73
C ILE D 89 -5.41 -6.71 -31.03
N SER D 90 -4.29 -7.02 -30.41
CA SER D 90 -3.13 -6.14 -30.41
C SER D 90 -2.30 -6.31 -31.69
N THR D 91 -2.72 -5.67 -32.77
CA THR D 91 -2.01 -5.74 -34.04
C THR D 91 -0.83 -4.77 -34.07
N LYS D 92 -0.14 -4.70 -35.20
CA LYS D 92 1.07 -3.87 -35.31
C LYS D 92 0.77 -2.37 -35.35
N THR D 93 -0.46 -2.02 -35.69
CA THR D 93 -0.84 -0.61 -35.82
C THR D 93 -1.94 -0.21 -34.84
N SER D 94 -2.75 -1.18 -34.40
CA SER D 94 -3.88 -0.86 -33.53
C SER D 94 -4.26 -2.00 -32.56
N ALA D 95 -5.42 -1.88 -31.94
CA ALA D 95 -5.86 -2.85 -30.94
C ALA D 95 -7.37 -3.04 -30.98
N LYS D 96 -7.83 -3.93 -31.86
CA LYS D 96 -9.26 -4.18 -32.03
C LYS D 96 -9.88 -4.77 -30.76
N LEU D 97 -10.94 -4.12 -30.27
CA LEU D 97 -11.49 -4.44 -28.93
C LEU D 97 -12.88 -5.08 -28.98
N SER D 98 -12.93 -6.38 -28.74
CA SER D 98 -14.18 -7.14 -28.79
C SER D 98 -14.78 -7.43 -27.41
N SER D 99 -15.94 -6.84 -27.12
CA SER D 99 -16.49 -6.86 -25.76
C SER D 99 -17.70 -7.80 -25.56
N TYR D 100 -17.92 -8.17 -24.30
CA TYR D 100 -19.02 -9.04 -23.92
C TYR D 100 -19.52 -8.64 -22.53
N THR D 101 -20.82 -8.79 -22.31
CA THR D 101 -21.39 -8.63 -20.98
C THR D 101 -21.97 -9.97 -20.56
N LEU D 102 -21.50 -10.48 -19.43
CA LEU D 102 -21.93 -11.78 -18.97
C LEU D 102 -22.88 -11.62 -17.78
N ARG D 103 -24.08 -12.16 -17.93
CA ARG D 103 -25.01 -12.27 -16.82
C ARG D 103 -25.10 -13.74 -16.49
N ILE D 104 -25.29 -14.04 -15.22
CA ILE D 104 -25.41 -15.43 -14.81
C ILE D 104 -26.68 -15.65 -14.02
N LEU D 105 -27.53 -16.53 -14.53
CA LEU D 105 -28.77 -16.86 -13.85
C LEU D 105 -28.79 -18.33 -13.49
N ARG D 106 -29.54 -18.68 -12.46
CA ARG D 106 -29.64 -20.05 -12.00
C ARG D 106 -30.74 -20.76 -12.77
N GLN D 107 -30.53 -22.06 -13.00
CA GLN D 107 -31.59 -22.93 -13.46
C GLN D 107 -32.69 -22.86 -12.42
N LEU D 108 -33.94 -22.70 -12.85
CA LEU D 108 -35.07 -22.67 -11.94
C LEU D 108 -35.25 -24.02 -11.26
N ARG D 109 -35.58 -23.99 -9.98
CA ARG D 109 -35.83 -25.23 -9.23
C ARG D 109 -37.18 -25.22 -8.53
N ASN D 110 -37.77 -26.40 -8.39
CA ASN D 110 -38.96 -26.61 -7.57
C ASN D 110 -40.08 -25.63 -7.78
N ILE D 111 -40.82 -25.83 -8.87
CA ILE D 111 -42.03 -25.09 -9.15
C ILE D 111 -43.14 -25.72 -8.30
N GLN D 112 -43.91 -24.86 -7.63
CA GLN D 112 -45.02 -25.33 -6.80
C GLN D 112 -46.31 -24.61 -7.16
N VAL D 113 -47.43 -25.31 -7.01
CA VAL D 113 -48.72 -24.65 -7.09
C VAL D 113 -49.38 -24.79 -5.74
N THR D 114 -49.81 -23.69 -5.16
CA THR D 114 -50.55 -23.80 -3.93
C THR D 114 -52.02 -23.43 -4.16
N ASN D 115 -52.90 -24.35 -3.78
CA ASN D 115 -54.33 -24.15 -3.89
C ASN D 115 -54.87 -23.11 -2.93
N HIS D 116 -55.81 -22.30 -3.38
CA HIS D 116 -56.53 -21.40 -2.49
C HIS D 116 -58.06 -21.57 -2.59
N SER D 117 -58.49 -22.72 -3.10
CA SER D 117 -59.86 -23.01 -3.39
C SER D 117 -60.56 -23.72 -2.26
N GLN D 118 -61.89 -23.75 -2.34
CA GLN D 118 -62.68 -24.57 -1.44
C GLN D 118 -62.55 -26.01 -1.90
N LEU D 119 -62.76 -26.92 -0.97
CA LEU D 119 -62.73 -28.33 -1.25
C LEU D 119 -64.14 -28.78 -1.48
N PHE D 120 -64.33 -29.74 -2.41
CA PHE D 120 -65.61 -30.44 -2.59
C PHE D 120 -66.69 -29.50 -3.03
N GLN D 121 -66.41 -28.74 -4.04
CA GLN D 121 -67.35 -27.77 -4.54
C GLN D 121 -68.43 -28.48 -5.34
N ASN D 122 -69.67 -28.03 -5.19
CA ASN D 122 -70.73 -28.53 -6.05
C ASN D 122 -71.05 -27.54 -7.15
N MET D 123 -71.83 -28.01 -8.13
CA MET D 123 -72.26 -27.17 -9.22
C MET D 123 -71.03 -26.49 -9.80
N THR D 124 -71.11 -25.20 -10.09
CA THR D 124 -69.98 -24.51 -10.67
C THR D 124 -68.84 -24.32 -9.64
N CYS D 125 -67.74 -25.02 -9.88
CA CYS D 125 -66.56 -25.00 -9.00
C CYS D 125 -65.63 -23.90 -9.45
N GLU D 126 -65.11 -23.16 -8.48
CA GLU D 126 -64.27 -21.98 -8.76
C GLU D 126 -62.95 -22.05 -8.01
N LEU D 127 -61.86 -21.91 -8.77
CA LEU D 127 -60.50 -22.16 -8.30
C LEU D 127 -59.60 -20.95 -8.24
N HIS D 128 -58.64 -21.03 -7.33
CA HIS D 128 -57.60 -20.03 -7.24
C HIS D 128 -56.28 -20.75 -6.94
N LEU D 129 -55.36 -20.65 -7.88
CA LEU D 129 -54.09 -21.35 -7.78
C LEU D 129 -53.00 -20.32 -7.86
N THR D 130 -51.91 -20.57 -7.14
CA THR D 130 -50.75 -19.71 -7.23
C THR D 130 -49.52 -20.54 -7.51
N CYS D 131 -48.74 -20.06 -8.45
CA CYS D 131 -47.56 -20.78 -8.91
C CYS D 131 -46.35 -20.06 -8.38
N SER D 132 -45.32 -20.82 -8.03
CA SER D 132 -44.09 -20.27 -7.52
C SER D 132 -42.97 -21.20 -7.86
N VAL D 133 -41.75 -20.67 -7.82
CA VAL D 133 -40.52 -21.42 -7.94
C VAL D 133 -39.72 -21.12 -6.69
N GLU D 134 -38.65 -21.86 -6.46
CA GLU D 134 -37.92 -21.74 -5.21
C GLU D 134 -36.94 -20.57 -5.24
N ASP D 135 -36.27 -20.43 -6.38
CA ASP D 135 -35.36 -19.31 -6.62
C ASP D 135 -36.03 -18.00 -6.20
N ALA D 136 -37.29 -17.83 -6.62
CA ALA D 136 -38.12 -16.66 -6.30
C ALA D 136 -37.55 -15.32 -6.79
N ASP D 137 -36.82 -15.34 -7.89
CA ASP D 137 -36.20 -14.12 -8.42
C ASP D 137 -37.15 -13.25 -9.26
N ASP D 138 -36.77 -11.99 -9.49
CA ASP D 138 -37.61 -11.05 -10.22
C ASP D 138 -37.52 -11.21 -11.73
N ASN D 139 -36.66 -12.09 -12.20
CA ASN D 139 -36.55 -12.34 -13.63
C ASN D 139 -37.40 -13.50 -14.11
N VAL D 140 -38.05 -14.20 -13.18
CA VAL D 140 -38.89 -15.33 -13.55
C VAL D 140 -40.24 -14.82 -13.99
N SER D 141 -40.86 -15.51 -14.95
CA SER D 141 -42.17 -15.09 -15.42
C SER D 141 -43.11 -16.26 -15.61
N PHE D 142 -44.34 -16.11 -15.13
CA PHE D 142 -45.31 -17.20 -15.08
C PHE D 142 -46.42 -17.01 -16.09
N ARG D 143 -46.91 -18.12 -16.63
CA ARG D 143 -48.15 -18.10 -17.41
C ARG D 143 -48.91 -19.39 -17.25
N TRP D 144 -50.23 -19.28 -17.09
CA TRP D 144 -51.07 -20.47 -17.00
C TRP D 144 -51.71 -20.83 -18.34
N GLU D 145 -51.83 -22.12 -18.59
CA GLU D 145 -52.38 -22.59 -19.86
C GLU D 145 -53.31 -23.76 -19.65
N ALA D 146 -54.40 -23.75 -20.43
CA ALA D 146 -55.34 -24.86 -20.49
C ALA D 146 -55.91 -24.95 -21.89
N LEU D 147 -56.10 -26.18 -22.38
CA LEU D 147 -56.70 -26.39 -23.70
C LEU D 147 -56.12 -25.45 -24.73
N GLY D 148 -54.81 -25.29 -24.71
CA GLY D 148 -54.11 -24.50 -25.72
C GLY D 148 -54.22 -23.00 -25.52
N ASN D 149 -54.92 -22.58 -24.45
CA ASN D 149 -55.15 -21.16 -24.22
C ASN D 149 -54.38 -20.58 -23.05
N THR D 150 -53.87 -19.38 -23.22
CA THR D 150 -53.18 -18.69 -22.13
C THR D 150 -54.17 -17.98 -21.21
N LEU D 151 -54.42 -18.56 -20.05
CA LEU D 151 -55.42 -18.02 -19.13
C LEU D 151 -54.91 -16.85 -18.30
N SER D 152 -53.61 -16.82 -18.06
CA SER D 152 -53.02 -15.79 -17.23
C SER D 152 -51.52 -15.72 -17.47
N SER D 153 -50.96 -14.52 -17.33
CA SER D 153 -49.54 -14.33 -17.49
C SER D 153 -48.90 -13.94 -16.17
N GLN D 154 -49.30 -14.60 -15.09
CA GLN D 154 -48.77 -14.29 -13.79
C GLN D 154 -48.95 -15.47 -12.82
N PRO D 155 -48.47 -15.31 -11.59
CA PRO D 155 -48.50 -16.42 -10.65
C PRO D 155 -49.92 -16.91 -10.41
N ASN D 156 -50.88 -15.99 -10.36
CA ASN D 156 -52.26 -16.38 -10.02
C ASN D 156 -53.17 -16.75 -11.19
N LEU D 157 -53.91 -17.82 -10.98
CA LEU D 157 -54.97 -18.26 -11.86
C LEU D 157 -56.27 -18.18 -11.08
N THR D 158 -57.28 -17.53 -11.64
CA THR D 158 -58.67 -17.75 -11.17
C THR D 158 -59.54 -18.22 -12.34
N VAL D 159 -60.15 -19.40 -12.18
CA VAL D 159 -61.02 -19.95 -13.21
C VAL D 159 -62.15 -20.73 -12.62
N SER D 160 -63.24 -20.85 -13.39
CA SER D 160 -64.35 -21.68 -12.99
C SER D 160 -64.41 -22.90 -13.90
N TRP D 161 -64.97 -23.98 -13.38
CA TRP D 161 -65.07 -25.21 -14.11
C TRP D 161 -66.34 -25.82 -13.58
N ASP D 162 -67.11 -26.45 -14.45
CA ASP D 162 -68.33 -27.10 -14.04
C ASP D 162 -68.38 -28.44 -14.75
N PRO D 163 -68.53 -29.52 -13.97
CA PRO D 163 -68.42 -30.86 -14.52
C PRO D 163 -69.48 -31.16 -15.58
N ARG D 164 -70.52 -30.35 -15.64
CA ARG D 164 -71.62 -30.67 -16.54
C ARG D 164 -71.44 -30.06 -17.93
N ILE D 165 -70.54 -29.10 -18.06
CA ILE D 165 -70.36 -28.45 -19.36
C ILE D 165 -68.91 -28.12 -19.68
N SER D 166 -68.03 -28.39 -18.71
CA SER D 166 -66.58 -28.28 -18.93
C SER D 166 -65.89 -29.62 -19.19
N SER D 167 -64.85 -29.57 -20.01
CA SER D 167 -64.01 -30.73 -20.27
C SER D 167 -63.14 -31.00 -19.06
N GLU D 168 -62.80 -32.26 -18.84
CA GLU D 168 -61.70 -32.59 -17.95
C GLU D 168 -60.50 -31.98 -18.62
N GLN D 169 -59.63 -31.37 -17.83
CA GLN D 169 -58.51 -30.66 -18.40
C GLN D 169 -57.51 -30.30 -17.30
N ASP D 170 -56.28 -30.03 -17.70
CA ASP D 170 -55.26 -29.65 -16.76
C ASP D 170 -55.03 -28.19 -16.89
N TYR D 171 -54.93 -27.54 -15.74
CA TYR D 171 -54.30 -26.24 -15.70
C TYR D 171 -52.79 -26.47 -15.57
N THR D 172 -52.02 -25.64 -16.23
CA THR D 172 -50.61 -25.89 -16.33
C THR D 172 -49.88 -24.58 -16.14
N CYS D 173 -48.95 -24.59 -15.22
CA CYS D 173 -48.16 -23.39 -15.00
C CYS D 173 -46.77 -23.64 -15.56
N ILE D 174 -46.27 -22.65 -16.29
CA ILE D 174 -44.92 -22.67 -16.80
C ILE D 174 -44.23 -21.47 -16.21
N ALA D 175 -43.16 -21.71 -15.48
CA ALA D 175 -42.29 -20.63 -15.04
C ALA D 175 -41.01 -20.69 -15.89
N GLU D 176 -40.42 -19.53 -16.14
CA GLU D 176 -39.25 -19.51 -16.98
C GLU D 176 -38.44 -18.23 -16.87
N ASN D 177 -37.12 -18.38 -16.97
CA ASN D 177 -36.22 -17.25 -17.05
C ASN D 177 -35.37 -17.35 -18.31
N ALA D 178 -34.46 -16.42 -18.51
CA ALA D 178 -33.65 -16.42 -19.72
C ALA D 178 -33.12 -17.80 -20.12
N VAL D 179 -32.81 -18.66 -19.15
CA VAL D 179 -32.06 -19.88 -19.48
C VAL D 179 -32.75 -21.20 -19.16
N SER D 180 -33.91 -21.16 -18.50
CA SER D 180 -34.57 -22.42 -18.17
C SER D 180 -36.06 -22.26 -17.87
N ASN D 181 -36.76 -23.40 -17.81
CA ASN D 181 -38.18 -23.42 -17.50
C ASN D 181 -38.64 -24.69 -16.82
N LEU D 182 -39.74 -24.58 -16.12
CA LEU D 182 -40.40 -25.70 -15.49
C LEU D 182 -41.91 -25.59 -15.69
N SER D 183 -42.59 -26.72 -15.63
CA SER D 183 -44.03 -26.75 -15.80
C SER D 183 -44.66 -27.66 -14.77
N PHE D 184 -45.74 -27.17 -14.16
CA PHE D 184 -46.48 -27.91 -13.14
C PHE D 184 -47.93 -28.01 -13.59
N SER D 185 -48.58 -29.14 -13.26
CA SER D 185 -49.89 -29.48 -13.81
C SER D 185 -50.89 -30.05 -12.80
N VAL D 186 -52.12 -29.56 -12.83
CA VAL D 186 -53.23 -30.06 -12.01
C VAL D 186 -54.46 -30.17 -12.87
N SER D 187 -55.29 -31.16 -12.59
CA SER D 187 -56.54 -31.32 -13.30
C SER D 187 -57.67 -30.74 -12.48
N ALA D 188 -58.59 -30.07 -13.17
CA ALA D 188 -59.78 -29.48 -12.56
C ALA D 188 -60.52 -30.52 -11.75
N GLN D 189 -60.69 -31.70 -12.32
CA GLN D 189 -61.37 -32.76 -11.58
C GLN D 189 -60.79 -32.97 -10.18
N LYS D 190 -59.46 -33.11 -10.11
CA LYS D 190 -58.77 -33.28 -8.84
C LYS D 190 -58.96 -32.10 -7.88
N LEU D 191 -59.30 -30.93 -8.40
CA LEU D 191 -59.45 -29.76 -7.54
C LEU D 191 -60.88 -29.52 -7.05
N CYS D 192 -61.86 -29.96 -7.81
CA CYS D 192 -63.25 -29.62 -7.56
C CYS D 192 -63.98 -30.76 -6.90
N GLU D 193 -63.82 -31.95 -7.50
CA GLU D 193 -64.46 -33.16 -7.01
C GLU D 193 -63.65 -33.66 -5.85
#